data_3A2F
#
_entry.id   3A2F
#
_cell.length_a   77.354
_cell.length_b   90.451
_cell.length_c   186.211
_cell.angle_alpha   90.00
_cell.angle_beta   90.00
_cell.angle_gamma   90.00
#
_symmetry.space_group_name_H-M   'P 21 21 21'
#
loop_
_entity.id
_entity.type
_entity.pdbx_description
1 polymer 'DNA polymerase'
2 polymer 'DNA polymerase sliding clamp'
3 water water
#
loop_
_entity_poly.entity_id
_entity_poly.type
_entity_poly.pdbx_seq_one_letter_code
_entity_poly.pdbx_strand_id
1 'polypeptide(L)'
;(MSE)ILDVDYITEEGKPVIRLFKKENGKFKIEHDRTFRPYIYALLRDDSKIEEVKKITGERHGKIVRIVDVEKVEKKFL
GKPITVWKLYLEHPQDVPTIREKVREHPAVVDIFEYDIPFAKRYLIDKGLIP(MSE)EGEEELKILAFDIETLYHEGEEF
GKGPII(MSE)ISYADENEAKVITWKNIDLPYVEVVSSERE(MSE)IKRFLRIIREKDPDIIVTYNGDSFDFPYLAKRAE
KLGIKLTIGRDGSEPK(MSE)QRIGD(MSE)TAVEVKGRIHFDLYHVITRTINLPTYTLEAVYEAIFGKPKEKVYADEIA
KAWESGENLERVAKYS(MSE)EDAKATYELGKEFLP(MSE)EIQLSRLVGQPLWDVSRSSTGNLVEWFLLRKAYERNEVA
PNKPSEEEYQRRLRESYTGGFVKEPEKGLWENIVYLDFRALYPSIIITHNVSPDTLNLEGCKNYDIAPQVGHKFCKDIPG
FIPSLLGHLLEERQKIKTK(MSE)KETQDPIEKILLDYRQKAIKLLANSFYGYYGYAKARWYCKECAESVTAWGRKYIEL
VWKELEEKFGFKVLYIDTDGLYATIPGGESEEIKKKALEFVKYINSKLPGLLELEYEGFYKRGFFVTKKRYAVIDEEGKV
ITRGLEIVRRDWSEIAKETQARVLETILKHGDVEEAVRIVKEVIQKLANYEIPPEKLAIYEQITRPLHEYKAIGPHVAVA
KKLAAKGVKIKPG(MSE)VIGYIVLRGDGPISNRAILAEEYDPKKHKYDAEYYIENQVLPAVLRILEGFGYRKEDLRYQK
TRQVGLTSWLNIKKS
;
A
2 'polypeptide(L)'
;PFEIVFEGAKEFAQLIDTASKLIDEAAFKVTEDGIS(MSE)RA(MSE)DPSRVVLIDLNLPSSIFSKYEVVEPETIGVNL
DHLKKILKRGKAKDTLILKKGEENFLEITIQGTATRTFRVPLIDVEE(MSE)EVDLPELPFTAKVVVLGEVLKAAVKAAS
LVSDSIKFIARENEFI(MSE)KAEGETQEVEIKLTLEDEGLLDIEVQEETKSAYGVSYLSD(MSE)VKGLGKADEVTIKF
GNE(MSE)P(MSE)Q(MSE)EYYIRDEGRLTFLLAPRVEE
;
B
#
# COMPACT_ATOMS: atom_id res chain seq x y z
N MSE A 1 -39.22 -18.91 16.90
CA MSE A 1 -38.26 -18.18 16.01
C MSE A 1 -37.61 -19.11 15.00
O MSE A 1 -36.95 -20.08 15.36
CB MSE A 1 -37.15 -17.52 16.84
CG MSE A 1 -36.19 -16.69 16.01
SE MSE A 1 -34.69 -15.96 16.99
CE MSE A 1 -33.35 -17.19 16.38
N ILE A 2 -37.82 -18.81 13.72
CA ILE A 2 -37.28 -19.61 12.64
C ILE A 2 -35.78 -19.40 12.43
N LEU A 3 -35.02 -20.49 12.56
CA LEU A 3 -33.56 -20.47 12.43
C LEU A 3 -33.07 -20.73 11.01
N ASP A 4 -33.70 -21.69 10.34
CA ASP A 4 -33.32 -22.00 8.98
C ASP A 4 -34.42 -22.80 8.30
N VAL A 5 -34.24 -23.05 7.00
CA VAL A 5 -35.24 -23.79 6.25
C VAL A 5 -34.62 -24.68 5.19
N ASP A 6 -35.24 -25.84 4.98
CA ASP A 6 -34.81 -26.77 3.93
C ASP A 6 -35.96 -27.71 3.62
N TYR A 7 -35.66 -28.81 2.94
CA TYR A 7 -36.68 -29.78 2.60
C TYR A 7 -36.04 -31.09 2.20
N ILE A 8 -36.64 -32.18 2.66
CA ILE A 8 -36.16 -33.50 2.31
C ILE A 8 -37.21 -34.03 1.35
N THR A 9 -36.99 -35.20 0.78
CA THR A 9 -37.96 -35.77 -0.13
C THR A 9 -38.53 -37.07 0.39
N GLU A 10 -39.84 -37.23 0.25
CA GLU A 10 -40.53 -38.42 0.70
C GLU A 10 -41.58 -38.81 -0.34
N GLU A 11 -41.42 -40.00 -0.89
CA GLU A 11 -42.36 -40.52 -1.90
C GLU A 11 -42.25 -39.65 -3.15
N GLY A 12 -41.15 -38.91 -3.26
CA GLY A 12 -40.95 -38.02 -4.41
C GLY A 12 -41.70 -36.71 -4.23
N LYS A 13 -42.08 -36.44 -2.99
CA LYS A 13 -42.80 -35.22 -2.66
C LYS A 13 -41.96 -34.35 -1.71
N PRO A 14 -41.90 -33.04 -1.98
CA PRO A 14 -41.13 -32.11 -1.15
C PRO A 14 -41.73 -32.01 0.25
N VAL A 15 -40.87 -31.96 1.26
CA VAL A 15 -41.35 -31.84 2.64
C VAL A 15 -40.55 -30.75 3.34
N ILE A 16 -40.97 -29.51 3.13
CA ILE A 16 -40.30 -28.37 3.74
C ILE A 16 -40.27 -28.51 5.25
N ARG A 17 -39.09 -28.30 5.81
CA ARG A 17 -38.91 -28.38 7.25
C ARG A 17 -38.53 -27.01 7.76
N LEU A 18 -38.95 -26.69 8.98
CA LEU A 18 -38.63 -25.43 9.61
C LEU A 18 -37.91 -25.69 10.92
N PHE A 19 -36.68 -25.21 11.00
CA PHE A 19 -35.89 -25.39 12.20
C PHE A 19 -36.16 -24.21 13.12
N LYS A 20 -36.94 -24.45 14.17
CA LYS A 20 -37.31 -23.41 15.11
C LYS A 20 -36.78 -23.60 16.53
N LYS A 21 -36.77 -22.50 17.27
CA LYS A 21 -36.33 -22.46 18.65
C LYS A 21 -37.41 -21.67 19.39
N GLU A 22 -38.57 -22.28 19.60
CA GLU A 22 -39.67 -21.62 20.28
C GLU A 22 -39.72 -21.94 21.77
N ASN A 23 -39.27 -20.98 22.57
CA ASN A 23 -39.26 -21.10 24.02
C ASN A 23 -38.23 -22.10 24.53
N GLY A 24 -36.98 -21.85 24.16
CA GLY A 24 -35.87 -22.68 24.58
C GLY A 24 -35.88 -24.08 24.02
N LYS A 25 -36.93 -24.42 23.30
CA LYS A 25 -37.03 -25.76 22.74
C LYS A 25 -36.91 -25.82 21.21
N PHE A 26 -35.91 -26.56 20.75
CA PHE A 26 -35.70 -26.75 19.32
C PHE A 26 -36.83 -27.62 18.78
N LYS A 27 -37.57 -27.10 17.81
CA LYS A 27 -38.67 -27.84 17.22
C LYS A 27 -38.50 -27.90 15.72
N ILE A 28 -38.94 -29.00 15.12
CA ILE A 28 -38.86 -29.15 13.67
C ILE A 28 -40.27 -29.29 13.12
N GLU A 29 -40.65 -28.37 12.24
CA GLU A 29 -41.96 -28.40 11.64
C GLU A 29 -41.81 -28.94 10.24
N HIS A 30 -42.76 -29.76 9.83
CA HIS A 30 -42.76 -30.35 8.50
C HIS A 30 -43.96 -29.78 7.78
N ASP A 31 -43.81 -29.56 6.48
CA ASP A 31 -44.91 -29.02 5.70
C ASP A 31 -44.90 -29.66 4.32
N ARG A 32 -45.79 -30.63 4.13
CA ARG A 32 -45.87 -31.34 2.86
C ARG A 32 -46.94 -30.72 1.96
N THR A 33 -47.19 -29.42 2.13
CA THR A 33 -48.23 -28.77 1.32
C THR A 33 -47.79 -27.65 0.40
N PHE A 34 -46.55 -27.19 0.50
CA PHE A 34 -46.09 -26.11 -0.37
C PHE A 34 -45.81 -26.73 -1.74
N ARG A 35 -45.93 -25.94 -2.81
CA ARG A 35 -45.72 -26.47 -4.14
C ARG A 35 -44.89 -25.60 -5.09
N PRO A 36 -43.92 -26.22 -5.78
CA PRO A 36 -43.01 -25.57 -6.74
C PRO A 36 -43.83 -25.00 -7.88
N TYR A 37 -43.35 -23.92 -8.47
CA TYR A 37 -44.09 -23.33 -9.57
C TYR A 37 -43.27 -22.31 -10.33
N ILE A 38 -43.62 -22.13 -11.61
CA ILE A 38 -42.94 -21.16 -12.43
C ILE A 38 -44.06 -20.32 -13.01
N TYR A 39 -43.70 -19.34 -13.82
CA TYR A 39 -44.70 -18.47 -14.44
C TYR A 39 -44.47 -18.46 -15.93
N ALA A 40 -45.57 -18.48 -16.68
CA ALA A 40 -45.49 -18.47 -18.13
C ALA A 40 -46.38 -17.36 -18.68
N LEU A 41 -45.81 -16.53 -19.53
CA LEU A 41 -46.55 -15.44 -20.15
C LEU A 41 -47.02 -15.94 -21.50
N LEU A 42 -48.30 -16.29 -21.59
CA LEU A 42 -48.88 -16.79 -22.83
C LEU A 42 -49.43 -15.64 -23.66
N ARG A 43 -49.05 -15.58 -24.94
CA ARG A 43 -49.53 -14.53 -25.83
C ARG A 43 -51.03 -14.67 -26.05
N ASP A 44 -51.51 -15.91 -25.95
CA ASP A 44 -52.93 -16.24 -26.11
C ASP A 44 -53.30 -17.13 -24.93
N ASP A 45 -53.84 -16.53 -23.88
CA ASP A 45 -54.22 -17.26 -22.66
C ASP A 45 -55.25 -18.36 -22.87
N SER A 46 -55.20 -19.00 -24.03
CA SER A 46 -56.10 -20.10 -24.37
C SER A 46 -55.23 -21.28 -24.78
N LYS A 47 -54.05 -20.97 -25.31
CA LYS A 47 -53.10 -21.99 -25.74
C LYS A 47 -52.59 -22.74 -24.50
N ILE A 48 -53.04 -22.27 -23.33
CA ILE A 48 -52.68 -22.87 -22.05
C ILE A 48 -53.04 -24.36 -22.06
N GLU A 49 -53.94 -24.73 -22.97
CA GLU A 49 -54.38 -26.10 -23.09
C GLU A 49 -53.32 -27.06 -23.61
N GLU A 50 -52.80 -26.83 -24.82
CA GLU A 50 -51.78 -27.72 -25.35
C GLU A 50 -50.42 -27.38 -24.76
N VAL A 51 -50.37 -26.30 -23.97
CA VAL A 51 -49.13 -25.88 -23.35
C VAL A 51 -48.93 -26.55 -21.99
N LYS A 52 -50.01 -26.84 -21.28
CA LYS A 52 -49.91 -27.49 -19.96
C LYS A 52 -49.75 -28.99 -20.10
N LYS A 53 -49.34 -29.43 -21.28
CA LYS A 53 -49.16 -30.85 -21.56
C LYS A 53 -47.69 -31.22 -21.73
N ILE A 54 -46.83 -30.22 -21.92
CA ILE A 54 -45.40 -30.49 -22.09
C ILE A 54 -44.91 -31.33 -20.91
N THR A 55 -43.85 -32.09 -21.11
CA THR A 55 -43.30 -32.93 -20.05
C THR A 55 -41.83 -33.26 -20.33
N GLY A 56 -41.09 -33.60 -19.28
CA GLY A 56 -39.69 -33.92 -19.44
C GLY A 56 -39.29 -35.10 -18.57
N GLU A 57 -38.00 -35.41 -18.55
CA GLU A 57 -37.51 -36.54 -17.74
C GLU A 57 -36.14 -36.23 -17.16
N ARG A 58 -35.92 -36.62 -15.92
CA ARG A 58 -34.63 -36.38 -15.28
C ARG A 58 -33.96 -37.65 -14.76
N HIS A 59 -34.75 -38.51 -14.11
CA HIS A 59 -34.21 -39.75 -13.56
C HIS A 59 -35.19 -40.89 -13.82
N GLY A 60 -35.67 -40.99 -15.07
CA GLY A 60 -36.60 -42.03 -15.42
C GLY A 60 -37.96 -41.48 -15.84
N LYS A 61 -38.90 -41.46 -14.90
CA LYS A 61 -40.27 -40.97 -15.12
C LYS A 61 -40.36 -39.68 -15.94
N ILE A 62 -41.57 -39.38 -16.43
CA ILE A 62 -41.80 -38.18 -17.23
C ILE A 62 -42.53 -37.07 -16.47
N VAL A 63 -41.77 -36.05 -16.06
CA VAL A 63 -42.29 -34.91 -15.31
C VAL A 63 -43.49 -34.26 -16.00
N ARG A 64 -44.60 -34.19 -15.29
CA ARG A 64 -45.83 -33.60 -15.82
C ARG A 64 -46.29 -32.34 -15.08
N ILE A 65 -46.70 -31.31 -15.83
CA ILE A 65 -47.17 -30.06 -15.24
C ILE A 65 -48.43 -30.36 -14.43
N VAL A 66 -48.26 -30.82 -13.20
CA VAL A 66 -49.37 -31.17 -12.33
C VAL A 66 -50.43 -30.09 -12.07
N ASP A 67 -50.46 -29.04 -12.89
CA ASP A 67 -51.44 -27.97 -12.71
C ASP A 67 -51.12 -26.65 -13.42
N VAL A 68 -52.11 -25.75 -13.44
CA VAL A 68 -51.99 -24.40 -14.03
C VAL A 68 -53.14 -23.53 -13.55
N GLU A 69 -52.91 -22.22 -13.44
CA GLU A 69 -53.95 -21.29 -13.01
C GLU A 69 -53.67 -19.86 -13.44
N LYS A 70 -54.55 -19.31 -14.27
CA LYS A 70 -54.41 -17.94 -14.76
C LYS A 70 -54.51 -16.93 -13.62
N VAL A 71 -53.38 -16.35 -13.26
CA VAL A 71 -53.33 -15.36 -12.20
C VAL A 71 -53.03 -14.01 -12.81
N GLU A 72 -53.39 -12.94 -12.09
CA GLU A 72 -53.19 -11.59 -12.59
C GLU A 72 -52.20 -10.75 -11.79
N LYS A 73 -50.92 -11.04 -11.95
CA LYS A 73 -49.86 -10.30 -11.28
C LYS A 73 -49.62 -9.08 -12.16
N LYS A 74 -48.61 -8.28 -11.83
CA LYS A 74 -48.27 -7.12 -12.65
C LYS A 74 -46.75 -7.09 -12.84
N PHE A 75 -46.33 -6.56 -13.97
CA PHE A 75 -44.91 -6.51 -14.31
C PHE A 75 -44.37 -5.08 -14.41
N LEU A 76 -43.28 -4.83 -13.70
CA LEU A 76 -42.67 -3.50 -13.73
C LEU A 76 -43.72 -2.41 -13.55
N GLY A 77 -44.85 -2.77 -12.94
CA GLY A 77 -45.91 -1.80 -12.70
C GLY A 77 -47.11 -1.97 -13.60
N LYS A 78 -46.87 -2.36 -14.85
CA LYS A 78 -47.93 -2.55 -15.81
C LYS A 78 -48.67 -3.89 -15.57
N PRO A 79 -49.96 -3.95 -15.96
CA PRO A 79 -50.72 -5.18 -15.76
C PRO A 79 -50.21 -6.30 -16.67
N ILE A 80 -50.39 -7.54 -16.23
CA ILE A 80 -49.96 -8.70 -17.00
C ILE A 80 -50.70 -9.94 -16.51
N THR A 81 -50.97 -10.86 -17.44
CA THR A 81 -51.66 -12.10 -17.11
C THR A 81 -50.78 -13.29 -17.44
N VAL A 82 -50.29 -13.96 -16.40
CA VAL A 82 -49.43 -15.10 -16.59
C VAL A 82 -50.11 -16.32 -16.00
N TRP A 83 -49.46 -17.48 -16.13
CA TRP A 83 -50.02 -18.72 -15.60
C TRP A 83 -49.06 -19.39 -14.63
N LYS A 84 -49.62 -19.76 -13.47
CA LYS A 84 -48.86 -20.41 -12.41
C LYS A 84 -48.84 -21.92 -12.68
N LEU A 85 -47.77 -22.41 -13.31
CA LEU A 85 -47.63 -23.83 -13.63
C LEU A 85 -46.99 -24.64 -12.50
N TYR A 86 -47.84 -25.25 -11.66
CA TYR A 86 -47.36 -26.05 -10.54
C TYR A 86 -46.67 -27.34 -10.98
N LEU A 87 -45.69 -27.76 -10.19
CA LEU A 87 -44.94 -28.99 -10.45
C LEU A 87 -44.98 -29.80 -9.17
N GLU A 88 -44.68 -31.08 -9.25
CA GLU A 88 -44.72 -31.91 -8.06
C GLU A 88 -43.49 -31.78 -7.19
N HIS A 89 -42.35 -31.52 -7.82
CA HIS A 89 -41.12 -31.41 -7.06
C HIS A 89 -40.19 -30.36 -7.65
N PRO A 90 -39.40 -29.70 -6.79
CA PRO A 90 -38.47 -28.66 -7.26
C PRO A 90 -37.61 -29.13 -8.44
N GLN A 91 -36.97 -30.29 -8.29
CA GLN A 91 -36.11 -30.87 -9.32
C GLN A 91 -36.75 -30.92 -10.71
N ASP A 92 -38.08 -31.07 -10.75
CA ASP A 92 -38.79 -31.15 -12.01
C ASP A 92 -38.73 -29.85 -12.79
N VAL A 93 -38.45 -28.74 -12.11
CA VAL A 93 -38.42 -27.44 -12.76
C VAL A 93 -37.35 -27.20 -13.84
N PRO A 94 -36.08 -27.56 -13.59
CA PRO A 94 -35.09 -27.31 -14.65
C PRO A 94 -35.48 -28.06 -15.92
N THR A 95 -36.11 -29.22 -15.73
CA THR A 95 -36.56 -30.07 -16.82
C THR A 95 -37.53 -29.36 -17.74
N ILE A 96 -38.70 -29.02 -17.20
CA ILE A 96 -39.74 -28.36 -17.96
C ILE A 96 -39.50 -26.89 -18.29
N ARG A 97 -38.49 -26.26 -17.68
CA ARG A 97 -38.18 -24.85 -17.95
C ARG A 97 -37.62 -24.76 -19.37
N GLU A 98 -36.65 -25.62 -19.65
CA GLU A 98 -36.01 -25.68 -20.94
C GLU A 98 -37.09 -25.80 -22.02
N LYS A 99 -38.12 -26.59 -21.73
CA LYS A 99 -39.20 -26.78 -22.67
C LYS A 99 -40.11 -25.55 -22.72
N VAL A 100 -41.06 -25.48 -21.79
CA VAL A 100 -42.03 -24.39 -21.68
C VAL A 100 -41.69 -23.07 -22.39
N ARG A 101 -40.42 -22.67 -22.38
CA ARG A 101 -40.01 -21.43 -23.03
C ARG A 101 -39.62 -21.66 -24.50
N GLU A 102 -40.09 -22.78 -25.04
CA GLU A 102 -39.82 -23.16 -26.43
C GLU A 102 -41.12 -22.99 -27.21
N HIS A 103 -42.15 -23.69 -26.75
CA HIS A 103 -43.47 -23.64 -27.37
C HIS A 103 -43.85 -22.18 -27.59
N PRO A 104 -43.94 -21.76 -28.86
CA PRO A 104 -44.29 -20.38 -29.23
C PRO A 104 -45.47 -19.80 -28.44
N ALA A 105 -46.16 -20.68 -27.71
CA ALA A 105 -47.30 -20.27 -26.90
C ALA A 105 -46.87 -19.27 -25.81
N VAL A 106 -45.62 -19.41 -25.35
CA VAL A 106 -45.06 -18.53 -24.32
C VAL A 106 -44.21 -17.45 -24.94
N VAL A 107 -44.20 -16.28 -24.29
CA VAL A 107 -43.41 -15.15 -24.75
C VAL A 107 -42.12 -15.20 -23.94
N ASP A 108 -42.26 -15.70 -22.71
CA ASP A 108 -41.16 -15.85 -21.77
C ASP A 108 -41.74 -16.38 -20.47
N ILE A 109 -40.86 -16.89 -19.60
CA ILE A 109 -41.27 -17.42 -18.30
C ILE A 109 -40.57 -16.62 -17.20
N PHE A 110 -41.09 -16.70 -15.97
CA PHE A 110 -40.52 -15.94 -14.87
C PHE A 110 -40.41 -16.71 -13.57
N GLU A 111 -39.69 -16.13 -12.61
CA GLU A 111 -39.51 -16.74 -11.29
C GLU A 111 -39.30 -18.26 -11.32
N TYR A 112 -38.33 -18.70 -12.13
CA TYR A 112 -38.04 -20.12 -12.29
C TYR A 112 -36.72 -20.66 -11.73
N ASP A 113 -35.83 -19.78 -11.27
CA ASP A 113 -34.53 -20.19 -10.72
C ASP A 113 -34.42 -19.90 -9.21
N ILE A 114 -35.56 -19.89 -8.53
CA ILE A 114 -35.61 -19.60 -7.11
C ILE A 114 -35.72 -20.85 -6.23
N PRO A 115 -34.68 -21.13 -5.41
CA PRO A 115 -34.64 -22.28 -4.52
C PRO A 115 -35.92 -22.50 -3.72
N PHE A 116 -36.34 -23.76 -3.66
CA PHE A 116 -37.57 -24.16 -2.98
C PHE A 116 -37.71 -23.67 -1.55
N ALA A 117 -36.66 -23.80 -0.75
CA ALA A 117 -36.71 -23.37 0.64
C ALA A 117 -36.86 -21.85 0.73
N LYS A 118 -36.19 -21.15 -0.21
CA LYS A 118 -36.24 -19.70 -0.25
C LYS A 118 -37.61 -19.24 -0.74
N ARG A 119 -38.13 -19.92 -1.76
CA ARG A 119 -39.44 -19.58 -2.29
C ARG A 119 -40.47 -19.68 -1.19
N TYR A 120 -40.24 -20.64 -0.29
CA TYR A 120 -41.13 -20.88 0.83
C TYR A 120 -41.21 -19.71 1.79
N LEU A 121 -40.06 -19.30 2.35
CA LEU A 121 -40.03 -18.17 3.25
C LEU A 121 -40.77 -16.99 2.65
N ILE A 122 -40.37 -16.61 1.44
CA ILE A 122 -41.00 -15.50 0.75
C ILE A 122 -42.52 -15.64 0.70
N ASP A 123 -43.00 -16.59 -0.10
CA ASP A 123 -44.43 -16.82 -0.27
C ASP A 123 -45.19 -17.01 1.03
N LYS A 124 -44.64 -17.81 1.93
CA LYS A 124 -45.27 -18.08 3.21
C LYS A 124 -45.23 -16.86 4.14
N GLY A 125 -44.56 -15.80 3.68
CA GLY A 125 -44.45 -14.58 4.48
C GLY A 125 -43.59 -14.68 5.73
N LEU A 126 -42.85 -15.78 5.86
CA LEU A 126 -41.99 -16.01 7.02
C LEU A 126 -40.63 -15.34 6.96
N ILE A 127 -40.28 -14.64 8.03
CA ILE A 127 -38.99 -13.97 8.10
C ILE A 127 -38.23 -14.51 9.32
N PRO A 128 -37.03 -15.08 9.08
CA PRO A 128 -36.11 -15.69 10.04
C PRO A 128 -35.57 -14.77 11.13
N MSE A 129 -35.25 -15.35 12.27
CA MSE A 129 -34.72 -14.61 13.41
C MSE A 129 -35.73 -13.58 13.90
O MSE A 129 -35.36 -12.57 14.50
CB MSE A 129 -33.42 -13.91 13.04
CG MSE A 129 -32.42 -14.82 12.36
SE MSE A 129 -32.28 -16.51 13.27
CE MSE A 129 -30.71 -16.14 14.34
N GLU A 130 -37.01 -13.85 13.63
CA GLU A 130 -38.06 -12.96 14.05
C GLU A 130 -38.47 -13.39 15.45
N GLY A 131 -38.51 -12.44 16.36
CA GLY A 131 -38.88 -12.77 17.74
C GLY A 131 -37.72 -12.47 18.66
N GLU A 132 -37.84 -12.88 19.92
CA GLU A 132 -36.80 -12.64 20.90
C GLU A 132 -36.48 -13.90 21.71
N GLU A 133 -36.01 -14.92 21.00
CA GLU A 133 -35.62 -16.18 21.63
C GLU A 133 -34.15 -16.11 21.96
N GLU A 134 -33.78 -16.62 23.13
CA GLU A 134 -32.38 -16.61 23.53
C GLU A 134 -31.64 -17.71 22.80
N LEU A 135 -30.69 -17.32 21.95
CA LEU A 135 -29.91 -18.27 21.16
C LEU A 135 -28.61 -18.64 21.87
N LYS A 136 -28.26 -19.92 21.83
CA LYS A 136 -27.04 -20.40 22.47
C LYS A 136 -25.86 -20.27 21.49
N ILE A 137 -24.88 -19.44 21.83
CA ILE A 137 -23.72 -19.24 20.97
C ILE A 137 -22.54 -20.05 21.45
N LEU A 138 -21.86 -20.71 20.52
CA LEU A 138 -20.69 -21.50 20.87
C LEU A 138 -19.62 -21.26 19.82
N ALA A 139 -18.46 -20.81 20.25
CA ALA A 139 -17.38 -20.58 19.29
C ALA A 139 -16.37 -21.72 19.44
N PHE A 140 -15.65 -22.01 18.36
CA PHE A 140 -14.65 -23.05 18.42
C PHE A 140 -13.52 -22.79 17.42
N ASP A 141 -12.35 -23.29 17.73
CA ASP A 141 -11.21 -23.08 16.89
C ASP A 141 -10.40 -24.35 16.97
N ILE A 142 -9.60 -24.63 15.95
CA ILE A 142 -8.77 -25.81 15.97
C ILE A 142 -7.34 -25.42 15.65
N GLU A 143 -6.41 -26.15 16.24
CA GLU A 143 -5.00 -25.90 16.01
C GLU A 143 -4.46 -27.21 15.47
N THR A 144 -3.66 -27.16 14.42
CA THR A 144 -3.15 -28.38 13.85
C THR A 144 -1.67 -28.22 13.53
N LEU A 145 -1.06 -29.28 13.00
CA LEU A 145 0.35 -29.23 12.64
C LEU A 145 0.49 -28.93 11.16
N TYR A 146 -0.66 -28.89 10.48
CA TYR A 146 -0.72 -28.58 9.04
C TYR A 146 0.05 -27.28 8.70
N HIS A 147 0.65 -27.25 7.52
CA HIS A 147 1.40 -26.08 7.10
C HIS A 147 0.97 -25.51 5.76
N GLU A 148 1.64 -25.91 4.69
CA GLU A 148 1.28 -25.39 3.38
C GLU A 148 1.51 -26.38 2.26
N GLY A 149 2.78 -26.66 1.98
CA GLY A 149 3.08 -27.59 0.91
C GLY A 149 2.72 -29.03 1.28
N GLU A 150 1.99 -29.21 2.38
CA GLU A 150 1.64 -30.55 2.81
C GLU A 150 0.17 -30.89 2.60
N GLU A 151 -0.11 -32.19 2.62
CA GLU A 151 -1.46 -32.72 2.43
C GLU A 151 -2.41 -32.14 3.47
N PHE A 152 -3.52 -31.61 3.00
CA PHE A 152 -4.54 -31.03 3.87
C PHE A 152 -5.24 -32.16 4.63
N GLY A 153 -5.06 -32.21 5.94
CA GLY A 153 -5.69 -33.26 6.72
C GLY A 153 -4.71 -34.34 7.15
N LYS A 154 -3.49 -34.28 6.61
CA LYS A 154 -2.45 -35.25 6.96
C LYS A 154 -1.98 -34.98 8.40
N GLY A 155 -1.55 -33.75 8.67
CA GLY A 155 -1.10 -33.41 10.01
C GLY A 155 -2.25 -33.51 11.02
N PRO A 156 -1.98 -34.01 12.24
CA PRO A 156 -3.02 -34.15 13.27
C PRO A 156 -3.57 -32.80 13.72
N ILE A 157 -4.74 -32.83 14.34
CA ILE A 157 -5.34 -31.63 14.88
C ILE A 157 -4.89 -31.63 16.35
N ILE A 158 -3.89 -30.79 16.63
CA ILE A 158 -3.25 -30.63 17.95
C ILE A 158 -4.16 -30.27 19.12
N MSE A 159 -5.10 -29.36 18.90
CA MSE A 159 -6.01 -28.93 19.95
C MSE A 159 -7.33 -28.49 19.33
O MSE A 159 -7.42 -28.30 18.13
CB MSE A 159 -5.42 -27.75 20.71
CG MSE A 159 -4.14 -28.01 21.46
SE MSE A 159 -3.34 -26.36 22.11
CE MSE A 159 -1.54 -26.64 21.48
N ILE A 160 -8.33 -28.31 20.16
CA ILE A 160 -9.64 -27.85 19.73
C ILE A 160 -10.15 -26.99 20.86
N SER A 161 -10.18 -25.68 20.64
CA SER A 161 -10.65 -24.79 21.68
C SER A 161 -12.08 -24.38 21.38
N TYR A 162 -12.80 -23.96 22.41
CA TYR A 162 -14.17 -23.51 22.23
C TYR A 162 -14.51 -22.57 23.37
N ALA A 163 -15.52 -21.72 23.19
CA ALA A 163 -15.91 -20.77 24.22
C ALA A 163 -17.36 -20.34 24.03
N ASP A 164 -17.98 -19.87 25.11
CA ASP A 164 -19.37 -19.42 25.05
C ASP A 164 -19.67 -18.32 26.07
N GLU A 165 -20.96 -18.06 26.27
CA GLU A 165 -21.42 -17.04 27.20
C GLU A 165 -20.59 -17.00 28.47
N ASN A 166 -20.10 -18.15 28.92
CA ASN A 166 -19.32 -18.20 30.15
C ASN A 166 -18.42 -19.44 30.30
N GLU A 167 -17.33 -19.50 29.54
CA GLU A 167 -16.38 -20.61 29.59
C GLU A 167 -15.50 -20.59 28.36
N ALA A 168 -14.24 -20.94 28.52
CA ALA A 168 -13.30 -20.97 27.41
C ALA A 168 -12.30 -22.08 27.65
N LYS A 169 -12.51 -23.22 26.99
CA LYS A 169 -11.67 -24.40 27.15
C LYS A 169 -10.83 -24.82 25.95
N VAL A 170 -9.92 -25.75 26.22
CA VAL A 170 -9.03 -26.31 25.22
C VAL A 170 -8.97 -27.82 25.45
N ILE A 171 -9.15 -28.60 24.39
CA ILE A 171 -9.09 -30.05 24.48
C ILE A 171 -7.86 -30.52 23.71
N THR A 172 -6.97 -31.25 24.37
CA THR A 172 -5.75 -31.74 23.72
C THR A 172 -5.37 -33.13 24.25
N TRP A 173 -4.50 -33.86 23.54
CA TRP A 173 -4.11 -35.19 24.01
C TRP A 173 -2.67 -35.31 24.54
N LYS A 174 -2.20 -34.25 25.18
CA LYS A 174 -0.89 -34.23 25.82
C LYS A 174 -1.14 -33.44 27.09
N ASN A 175 -0.41 -33.76 28.15
CA ASN A 175 -0.65 -33.06 29.40
C ASN A 175 -0.19 -31.61 29.48
N ILE A 176 -1.07 -30.81 30.05
CA ILE A 176 -0.87 -29.39 30.28
C ILE A 176 -1.70 -29.15 31.53
N ASP A 177 -1.08 -28.61 32.56
CA ASP A 177 -1.80 -28.36 33.81
C ASP A 177 -2.29 -26.93 33.85
N LEU A 178 -3.55 -26.75 33.46
CA LEU A 178 -4.19 -25.45 33.46
C LEU A 178 -5.68 -25.71 33.66
N PRO A 179 -6.31 -24.94 34.55
CA PRO A 179 -7.74 -25.05 34.87
C PRO A 179 -8.67 -25.07 33.66
N TYR A 180 -8.17 -24.58 32.52
CA TYR A 180 -8.95 -24.51 31.28
C TYR A 180 -8.60 -25.55 30.22
N VAL A 181 -7.58 -26.35 30.46
CA VAL A 181 -7.19 -27.37 29.51
C VAL A 181 -7.73 -28.73 29.92
N GLU A 182 -8.45 -29.37 28.99
CA GLU A 182 -9.03 -30.69 29.21
C GLU A 182 -8.12 -31.71 28.55
N VAL A 183 -7.26 -32.38 29.32
CA VAL A 183 -6.37 -33.36 28.72
C VAL A 183 -7.22 -34.59 28.39
N VAL A 184 -6.87 -35.25 27.29
CA VAL A 184 -7.60 -36.42 26.85
C VAL A 184 -6.62 -37.46 26.32
N SER A 185 -7.12 -38.67 26.14
CA SER A 185 -6.31 -39.79 25.67
C SER A 185 -5.67 -39.70 24.29
N SER A 186 -6.47 -39.38 23.27
CA SER A 186 -5.95 -39.30 21.91
C SER A 186 -6.68 -38.28 21.04
N GLU A 187 -6.20 -38.10 19.82
CA GLU A 187 -6.83 -37.17 18.89
C GLU A 187 -8.29 -37.58 18.73
N ARG A 188 -8.50 -38.87 18.57
CA ARG A 188 -9.84 -39.41 18.42
C ARG A 188 -10.69 -38.99 19.62
N GLU A 189 -10.15 -39.18 20.82
CA GLU A 189 -10.86 -38.81 22.05
C GLU A 189 -11.12 -37.30 22.12
N MSE A 190 -10.19 -36.51 21.61
CA MSE A 190 -10.34 -35.06 21.60
C MSE A 190 -11.59 -34.73 20.79
O MSE A 190 -12.45 -33.96 21.21
CB MSE A 190 -9.12 -34.40 20.96
CG MSE A 190 -9.33 -32.95 20.56
SE MSE A 190 -7.78 -32.25 19.64
CE MSE A 190 -7.87 -33.36 18.05
N ILE A 191 -11.67 -35.35 19.62
CA ILE A 191 -12.80 -35.17 18.73
C ILE A 191 -14.08 -35.65 19.41
N LYS A 192 -13.99 -36.75 20.15
CA LYS A 192 -15.16 -37.26 20.84
C LYS A 192 -15.60 -36.24 21.88
N ARG A 193 -14.68 -35.82 22.75
CA ARG A 193 -15.05 -34.86 23.76
C ARG A 193 -15.72 -33.65 23.11
N PHE A 194 -15.12 -33.14 22.04
CA PHE A 194 -15.68 -31.98 21.34
C PHE A 194 -17.12 -32.23 20.89
N LEU A 195 -17.35 -33.37 20.25
CA LEU A 195 -18.70 -33.73 19.81
C LEU A 195 -19.64 -33.77 21.01
N ARG A 196 -19.10 -34.18 22.17
CA ARG A 196 -19.86 -34.27 23.42
C ARG A 196 -20.23 -32.88 23.95
N ILE A 197 -19.27 -31.95 23.90
CA ILE A 197 -19.51 -30.59 24.36
C ILE A 197 -20.63 -29.94 23.58
N ILE A 198 -20.64 -30.08 22.26
CA ILE A 198 -21.72 -29.45 21.51
C ILE A 198 -23.04 -30.14 21.85
N ARG A 199 -22.96 -31.44 22.17
CA ARG A 199 -24.15 -32.21 22.54
C ARG A 199 -24.66 -31.60 23.86
N GLU A 200 -23.77 -31.39 24.81
CA GLU A 200 -24.16 -30.81 26.09
C GLU A 200 -24.49 -29.31 26.01
N LYS A 201 -23.72 -28.55 25.23
CA LYS A 201 -23.96 -27.11 25.09
C LYS A 201 -25.17 -26.84 24.21
N ASP A 202 -25.37 -27.73 23.24
CA ASP A 202 -26.49 -27.64 22.31
C ASP A 202 -26.70 -26.23 21.77
N PRO A 203 -25.68 -25.65 21.10
CA PRO A 203 -25.79 -24.29 20.56
C PRO A 203 -26.68 -24.14 19.31
N ASP A 204 -27.32 -22.97 19.22
CA ASP A 204 -28.18 -22.64 18.09
C ASP A 204 -27.32 -22.08 16.97
N ILE A 205 -26.23 -21.43 17.36
CA ILE A 205 -25.28 -20.82 16.45
C ILE A 205 -23.87 -21.25 16.83
N ILE A 206 -23.15 -21.83 15.87
CA ILE A 206 -21.77 -22.26 16.06
C ILE A 206 -20.94 -21.23 15.32
N VAL A 207 -20.12 -20.49 16.07
CA VAL A 207 -19.29 -19.47 15.49
C VAL A 207 -17.88 -19.91 15.21
N THR A 208 -17.39 -19.54 14.04
CA THR A 208 -16.03 -19.85 13.63
C THR A 208 -15.47 -18.63 12.95
N TYR A 209 -14.17 -18.62 12.74
CA TYR A 209 -13.55 -17.52 12.03
C TYR A 209 -12.78 -18.22 10.92
N ASN A 210 -13.44 -18.33 9.77
CA ASN A 210 -12.88 -19.00 8.60
C ASN A 210 -13.06 -20.50 8.74
N GLY A 211 -14.10 -20.90 9.47
CA GLY A 211 -14.39 -22.31 9.66
C GLY A 211 -14.82 -23.00 8.37
N ASP A 212 -15.37 -22.22 7.43
CA ASP A 212 -15.82 -22.71 6.14
C ASP A 212 -14.72 -23.37 5.33
N SER A 213 -13.55 -22.76 5.28
CA SER A 213 -12.46 -23.34 4.50
C SER A 213 -11.42 -24.08 5.32
N PHE A 214 -11.28 -23.72 6.60
CA PHE A 214 -10.27 -24.40 7.38
C PHE A 214 -10.78 -25.37 8.45
N ASP A 215 -11.26 -24.83 9.56
CA ASP A 215 -11.76 -25.62 10.68
C ASP A 215 -12.59 -26.85 10.30
N PHE A 216 -13.80 -26.64 9.81
CA PHE A 216 -14.67 -27.76 9.45
C PHE A 216 -14.05 -28.74 8.46
N PRO A 217 -13.61 -28.26 7.28
CA PRO A 217 -13.00 -29.20 6.34
C PRO A 217 -11.90 -30.05 6.98
N TYR A 218 -10.97 -29.39 7.65
CA TYR A 218 -9.86 -30.09 8.29
C TYR A 218 -10.40 -31.10 9.30
N LEU A 219 -11.44 -30.69 10.02
CA LEU A 219 -12.06 -31.54 11.01
C LEU A 219 -12.62 -32.77 10.35
N ALA A 220 -13.25 -32.57 9.20
CA ALA A 220 -13.84 -33.67 8.44
C ALA A 220 -12.76 -34.69 8.05
N LYS A 221 -11.65 -34.21 7.50
CA LYS A 221 -10.56 -35.07 7.09
C LYS A 221 -10.10 -35.97 8.23
N ARG A 222 -9.83 -35.35 9.37
CA ARG A 222 -9.36 -36.08 10.54
C ARG A 222 -10.39 -37.10 11.05
N ALA A 223 -11.62 -36.65 11.25
CA ALA A 223 -12.68 -37.53 11.71
C ALA A 223 -12.66 -38.79 10.86
N GLU A 224 -12.65 -38.61 9.54
CA GLU A 224 -12.62 -39.72 8.60
C GLU A 224 -11.40 -40.62 8.79
N LYS A 225 -10.20 -40.04 8.72
CA LYS A 225 -8.99 -40.82 8.90
C LYS A 225 -9.05 -41.63 10.18
N LEU A 226 -9.69 -41.09 11.20
CA LEU A 226 -9.79 -41.76 12.48
C LEU A 226 -11.11 -42.53 12.63
N GLY A 227 -11.91 -42.57 11.57
CA GLY A 227 -13.17 -43.29 11.61
C GLY A 227 -14.21 -42.86 12.63
N ILE A 228 -14.50 -41.56 12.68
CA ILE A 228 -15.51 -41.04 13.60
C ILE A 228 -16.58 -40.30 12.85
N LYS A 229 -17.81 -40.40 13.35
CA LYS A 229 -18.95 -39.72 12.75
C LYS A 229 -19.01 -38.33 13.40
N LEU A 230 -19.09 -37.28 12.57
CA LEU A 230 -19.16 -35.92 13.08
C LEU A 230 -20.61 -35.51 13.34
N THR A 231 -21.19 -36.08 14.39
CA THR A 231 -22.58 -35.84 14.79
C THR A 231 -22.86 -34.46 15.38
N ILE A 232 -22.47 -33.42 14.65
CA ILE A 232 -22.65 -32.05 15.10
C ILE A 232 -24.09 -31.56 14.87
N GLY A 233 -24.70 -32.01 13.79
CA GLY A 233 -26.06 -31.60 13.49
C GLY A 233 -27.02 -32.04 14.57
N ARG A 234 -28.03 -31.21 14.83
CA ARG A 234 -29.02 -31.54 15.85
C ARG A 234 -29.79 -32.82 15.50
N ASP A 235 -29.56 -33.35 14.30
CA ASP A 235 -30.22 -34.56 13.84
C ASP A 235 -29.14 -35.60 13.64
N GLY A 236 -28.05 -35.45 14.39
CA GLY A 236 -26.94 -36.38 14.30
C GLY A 236 -26.18 -36.34 12.98
N SER A 237 -26.57 -35.47 12.06
CA SER A 237 -25.89 -35.40 10.77
C SER A 237 -24.56 -34.65 10.87
N GLU A 238 -23.71 -34.85 9.86
CA GLU A 238 -22.40 -34.21 9.80
C GLU A 238 -22.39 -32.84 9.12
N PRO A 239 -21.35 -32.04 9.39
CA PRO A 239 -21.34 -30.72 8.74
C PRO A 239 -21.25 -30.98 7.23
N LYS A 240 -22.08 -30.28 6.46
CA LYS A 240 -22.10 -30.48 5.02
C LYS A 240 -21.61 -29.30 4.18
N MSE A 241 -21.00 -29.62 3.06
CA MSE A 241 -20.49 -28.60 2.15
C MSE A 241 -21.69 -28.08 1.37
O MSE A 241 -22.59 -28.83 1.02
CB MSE A 241 -19.48 -29.20 1.17
CG MSE A 241 -18.42 -30.05 1.85
SE MSE A 241 -17.08 -30.71 0.61
CE MSE A 241 -18.26 -31.48 -0.73
N GLN A 242 -21.70 -26.77 1.12
CA GLN A 242 -22.80 -26.18 0.41
C GLN A 242 -22.29 -25.03 -0.43
N ARG A 243 -22.44 -25.13 -1.74
CA ARG A 243 -22.01 -24.07 -2.62
C ARG A 243 -22.89 -22.85 -2.38
N ILE A 244 -22.25 -21.69 -2.25
CA ILE A 244 -22.95 -20.44 -2.04
C ILE A 244 -22.04 -19.43 -2.71
N GLY A 245 -22.61 -18.54 -3.52
CA GLY A 245 -21.78 -17.57 -4.22
C GLY A 245 -20.81 -18.32 -5.14
N ASP A 246 -19.53 -18.05 -5.01
CA ASP A 246 -18.53 -18.72 -5.84
C ASP A 246 -17.53 -19.45 -4.96
N MSE A 247 -18.01 -19.85 -3.79
CA MSE A 247 -17.21 -20.56 -2.80
C MSE A 247 -17.99 -21.76 -2.28
O MSE A 247 -19.11 -22.03 -2.71
CB MSE A 247 -16.92 -19.62 -1.62
CG MSE A 247 -18.19 -19.15 -0.95
SE MSE A 247 -17.90 -17.90 0.49
CE MSE A 247 -17.60 -16.31 -0.57
N THR A 248 -17.38 -22.49 -1.36
CA THR A 248 -18.01 -23.65 -0.77
C THR A 248 -18.10 -23.50 0.75
N ALA A 249 -19.31 -23.26 1.25
CA ALA A 249 -19.55 -23.08 2.68
C ALA A 249 -19.88 -24.39 3.39
N VAL A 250 -20.09 -24.32 4.70
CA VAL A 250 -20.39 -25.50 5.50
C VAL A 250 -21.60 -25.26 6.41
N GLU A 251 -22.55 -26.20 6.39
CA GLU A 251 -23.74 -26.06 7.23
C GLU A 251 -23.89 -27.22 8.20
N VAL A 252 -24.66 -26.98 9.25
CA VAL A 252 -24.94 -27.95 10.29
C VAL A 252 -26.47 -27.96 10.41
N LYS A 253 -27.12 -28.94 9.80
CA LYS A 253 -28.59 -29.04 9.76
C LYS A 253 -29.46 -28.43 10.84
N GLY A 254 -29.18 -28.69 12.10
CA GLY A 254 -30.02 -28.13 13.13
C GLY A 254 -29.55 -26.82 13.73
N ARG A 255 -28.31 -26.43 13.41
CA ARG A 255 -27.73 -25.21 13.94
C ARG A 255 -27.30 -24.25 12.82
N ILE A 256 -26.98 -23.02 13.20
CA ILE A 256 -26.53 -22.01 12.25
C ILE A 256 -25.03 -21.86 12.37
N HIS A 257 -24.29 -22.29 11.36
CA HIS A 257 -22.83 -22.15 11.41
C HIS A 257 -22.54 -20.74 10.96
N PHE A 258 -22.13 -19.88 11.88
CA PHE A 258 -21.80 -18.49 11.53
C PHE A 258 -20.28 -18.29 11.41
N ASP A 259 -19.81 -18.13 10.18
CA ASP A 259 -18.39 -17.93 9.90
C ASP A 259 -18.06 -16.44 9.72
N LEU A 260 -17.46 -15.85 10.76
CA LEU A 260 -17.09 -14.43 10.80
C LEU A 260 -16.32 -13.89 9.59
N TYR A 261 -15.43 -14.69 9.03
CA TYR A 261 -14.64 -14.22 7.91
C TYR A 261 -15.42 -13.45 6.86
N HIS A 262 -16.47 -14.05 6.31
CA HIS A 262 -17.26 -13.39 5.28
C HIS A 262 -17.83 -12.05 5.76
N VAL A 263 -18.39 -12.03 6.95
CA VAL A 263 -18.97 -10.81 7.50
C VAL A 263 -17.93 -9.72 7.74
N ILE A 264 -16.91 -10.04 8.52
CA ILE A 264 -15.84 -9.09 8.84
C ILE A 264 -15.21 -8.54 7.55
N THR A 265 -14.47 -9.40 6.88
CA THR A 265 -13.78 -9.08 5.65
C THR A 265 -14.53 -8.11 4.72
N ARG A 266 -15.86 -8.15 4.70
CA ARG A 266 -16.59 -7.25 3.83
C ARG A 266 -17.20 -6.03 4.52
N THR A 267 -16.76 -5.73 5.73
CA THR A 267 -17.27 -4.55 6.44
C THR A 267 -16.16 -3.83 7.17
N ILE A 268 -14.93 -4.04 6.72
CA ILE A 268 -13.74 -3.42 7.30
C ILE A 268 -12.52 -3.74 6.45
N ASN A 269 -11.83 -2.70 6.01
CA ASN A 269 -10.65 -2.92 5.20
C ASN A 269 -9.45 -3.06 6.12
N LEU A 270 -8.53 -3.94 5.75
CA LEU A 270 -7.32 -4.17 6.53
C LEU A 270 -6.26 -4.79 5.66
N PRO A 271 -4.98 -4.54 5.99
CA PRO A 271 -3.81 -5.06 5.25
C PRO A 271 -3.93 -6.57 5.08
N THR A 272 -4.33 -7.25 6.15
CA THR A 272 -4.54 -8.70 6.15
C THR A 272 -5.66 -9.00 7.13
N TYR A 273 -6.15 -10.24 7.14
CA TYR A 273 -7.22 -10.59 8.04
C TYR A 273 -6.95 -11.77 8.98
N THR A 274 -5.93 -11.62 9.81
CA THR A 274 -5.58 -12.65 10.79
C THR A 274 -6.51 -12.43 11.97
N LEU A 275 -6.79 -13.48 12.73
CA LEU A 275 -7.67 -13.34 13.89
C LEU A 275 -7.10 -12.23 14.78
N GLU A 276 -5.78 -12.23 14.95
CA GLU A 276 -5.11 -11.22 15.76
C GLU A 276 -5.44 -9.79 15.31
N ALA A 277 -5.09 -9.49 14.06
CA ALA A 277 -5.33 -8.18 13.46
C ALA A 277 -6.78 -7.73 13.57
N VAL A 278 -7.71 -8.64 13.30
CA VAL A 278 -9.12 -8.30 13.38
C VAL A 278 -9.53 -7.94 14.80
N TYR A 279 -9.23 -8.82 15.76
CA TYR A 279 -9.57 -8.59 17.17
C TYR A 279 -9.02 -7.26 17.64
N GLU A 280 -7.81 -6.96 17.17
CA GLU A 280 -7.12 -5.71 17.50
C GLU A 280 -7.88 -4.51 16.95
N ALA A 281 -8.14 -4.54 15.64
CA ALA A 281 -8.84 -3.48 14.93
C ALA A 281 -10.33 -3.39 15.19
N ILE A 282 -10.81 -4.10 16.20
CA ILE A 282 -12.24 -4.06 16.51
C ILE A 282 -12.43 -3.72 17.99
N PHE A 283 -11.45 -4.08 18.81
CA PHE A 283 -11.55 -3.79 20.23
C PHE A 283 -10.36 -2.99 20.70
N GLY A 284 -9.39 -2.78 19.83
CA GLY A 284 -8.22 -2.01 20.21
C GLY A 284 -7.26 -2.90 20.98
N LYS A 285 -7.82 -3.71 21.87
CA LYS A 285 -7.06 -4.66 22.68
C LYS A 285 -6.20 -5.53 21.78
N PRO A 286 -4.92 -5.73 22.13
CA PRO A 286 -4.03 -6.55 21.31
C PRO A 286 -4.23 -8.04 21.58
N LYS A 287 -3.68 -8.88 20.72
CA LYS A 287 -3.78 -10.33 20.88
C LYS A 287 -2.49 -10.95 20.36
N GLU A 288 -1.76 -11.59 21.25
CA GLU A 288 -0.49 -12.22 20.89
C GLU A 288 -0.65 -13.40 19.93
N LYS A 289 0.30 -13.51 19.01
CA LYS A 289 0.28 -14.57 18.02
C LYS A 289 1.42 -15.56 18.26
N VAL A 290 1.13 -16.84 18.09
CA VAL A 290 2.13 -17.90 18.24
C VAL A 290 2.22 -18.51 16.85
N TYR A 291 3.42 -18.84 16.40
CA TYR A 291 3.56 -19.37 15.06
C TYR A 291 3.91 -20.85 14.94
N ALA A 292 3.96 -21.30 13.67
CA ALA A 292 4.28 -22.66 13.30
C ALA A 292 5.51 -23.18 14.04
N ASP A 293 6.67 -22.56 13.76
CA ASP A 293 7.91 -22.96 14.40
C ASP A 293 7.71 -23.23 15.89
N GLU A 294 7.19 -22.24 16.60
CA GLU A 294 6.94 -22.38 18.03
C GLU A 294 6.11 -23.63 18.32
N ILE A 295 4.86 -23.60 17.88
CA ILE A 295 3.90 -24.68 18.07
C ILE A 295 4.44 -26.09 17.80
N ALA A 296 5.14 -26.26 16.68
CA ALA A 296 5.70 -27.56 16.33
C ALA A 296 6.70 -28.00 17.41
N LYS A 297 7.62 -27.10 17.77
CA LYS A 297 8.63 -27.41 18.78
C LYS A 297 8.00 -27.78 20.12
N ALA A 298 7.09 -26.94 20.60
CA ALA A 298 6.43 -27.21 21.88
C ALA A 298 5.70 -28.56 21.85
N TRP A 299 5.04 -28.87 20.75
CA TRP A 299 4.33 -30.12 20.66
C TRP A 299 5.30 -31.31 20.61
N GLU A 300 6.38 -31.18 19.82
CA GLU A 300 7.38 -32.24 19.73
C GLU A 300 7.98 -32.42 21.11
N SER A 301 8.95 -31.57 21.45
CA SER A 301 9.55 -31.63 22.77
C SER A 301 8.49 -31.04 23.69
N GLY A 302 7.68 -31.92 24.28
CA GLY A 302 6.59 -31.54 25.15
C GLY A 302 6.79 -30.41 26.14
N GLU A 303 7.80 -29.58 25.93
CA GLU A 303 8.09 -28.45 26.81
C GLU A 303 7.57 -27.14 26.23
N ASN A 304 7.00 -26.29 27.10
CA ASN A 304 6.45 -24.98 26.74
C ASN A 304 5.01 -25.02 26.23
N LEU A 305 4.37 -26.18 26.29
CA LEU A 305 3.00 -26.31 25.80
C LEU A 305 1.98 -25.45 26.53
N GLU A 306 2.39 -24.76 27.59
CA GLU A 306 1.43 -23.94 28.31
C GLU A 306 1.01 -22.72 27.50
N ARG A 307 1.99 -22.01 26.91
CA ARG A 307 1.68 -20.81 26.14
C ARG A 307 1.04 -21.13 24.80
N VAL A 308 1.38 -22.29 24.25
CA VAL A 308 0.81 -22.72 22.98
C VAL A 308 -0.62 -23.15 23.22
N ALA A 309 -0.99 -23.26 24.48
CA ALA A 309 -2.32 -23.66 24.88
C ALA A 309 -3.14 -22.41 25.15
N LYS A 310 -2.47 -21.38 25.67
CA LYS A 310 -3.12 -20.12 25.98
C LYS A 310 -3.53 -19.45 24.68
N TYR A 311 -2.64 -19.54 23.69
CA TYR A 311 -2.92 -18.99 22.38
C TYR A 311 -4.24 -19.61 21.93
N SER A 312 -4.36 -20.92 22.15
CA SER A 312 -5.55 -21.65 21.77
C SER A 312 -6.82 -21.17 22.48
N MSE A 313 -6.75 -21.01 23.80
CA MSE A 313 -7.93 -20.56 24.53
C MSE A 313 -8.16 -19.10 24.20
O MSE A 313 -9.27 -18.57 24.35
CB MSE A 313 -7.74 -20.77 26.05
CG MSE A 313 -7.21 -19.57 26.86
SE MSE A 313 -8.62 -18.61 27.80
CE MSE A 313 -8.83 -19.75 29.33
N GLU A 314 -7.10 -18.45 23.72
CA GLU A 314 -7.18 -17.05 23.33
C GLU A 314 -7.98 -17.00 22.02
N ASP A 315 -7.63 -17.88 21.09
CA ASP A 315 -8.31 -17.95 19.81
C ASP A 315 -9.81 -18.09 19.96
N ALA A 316 -10.23 -18.97 20.86
CA ALA A 316 -11.65 -19.20 21.07
C ALA A 316 -12.33 -18.01 21.74
N LYS A 317 -11.69 -17.45 22.76
CA LYS A 317 -12.28 -16.32 23.47
C LYS A 317 -12.48 -15.19 22.47
N ALA A 318 -11.54 -15.04 21.54
CA ALA A 318 -11.62 -14.01 20.52
C ALA A 318 -12.80 -14.28 19.58
N THR A 319 -12.77 -15.44 18.93
CA THR A 319 -13.83 -15.81 18.01
C THR A 319 -15.20 -15.59 18.66
N TYR A 320 -15.33 -15.94 19.93
CA TYR A 320 -16.61 -15.76 20.62
C TYR A 320 -16.99 -14.29 20.78
N GLU A 321 -16.03 -13.48 21.22
CA GLU A 321 -16.25 -12.05 21.42
C GLU A 321 -16.66 -11.39 20.11
N LEU A 322 -15.93 -11.69 19.03
CA LEU A 322 -16.23 -11.13 17.72
C LEU A 322 -17.63 -11.57 17.28
N GLY A 323 -17.94 -12.84 17.52
CA GLY A 323 -19.24 -13.35 17.16
C GLY A 323 -20.37 -12.57 17.81
N LYS A 324 -20.28 -12.35 19.12
CA LYS A 324 -21.32 -11.60 19.82
C LYS A 324 -21.38 -10.20 19.23
N GLU A 325 -20.21 -9.69 18.87
CA GLU A 325 -20.05 -8.37 18.30
C GLU A 325 -20.82 -8.21 16.98
N PHE A 326 -20.47 -9.05 15.99
CA PHE A 326 -21.09 -8.97 14.67
C PHE A 326 -22.41 -9.69 14.49
N LEU A 327 -22.77 -10.54 15.45
CA LEU A 327 -24.00 -11.29 15.33
C LEU A 327 -25.27 -10.44 15.36
N PRO A 328 -25.36 -9.49 16.29
CA PRO A 328 -26.56 -8.64 16.38
C PRO A 328 -26.96 -8.02 15.05
N MSE A 329 -25.97 -7.41 14.39
CA MSE A 329 -26.21 -6.76 13.11
C MSE A 329 -26.64 -7.74 12.00
O MSE A 329 -27.65 -7.53 11.35
CB MSE A 329 -24.98 -5.97 12.70
CG MSE A 329 -25.28 -4.58 12.14
SE MSE A 329 -25.73 -4.58 10.27
CE MSE A 329 -24.41 -3.31 9.66
N GLU A 330 -25.85 -8.80 11.81
CA GLU A 330 -26.18 -9.77 10.77
C GLU A 330 -27.57 -10.37 11.00
N ILE A 331 -27.93 -10.55 12.27
CA ILE A 331 -29.24 -11.11 12.59
C ILE A 331 -30.34 -10.16 12.14
N GLN A 332 -30.24 -8.90 12.53
CA GLN A 332 -31.21 -7.88 12.15
C GLN A 332 -31.25 -7.74 10.63
N LEU A 333 -30.13 -8.01 9.99
CA LEU A 333 -30.03 -7.92 8.55
C LEU A 333 -30.80 -9.08 7.93
N SER A 334 -30.65 -10.25 8.55
CA SER A 334 -31.32 -11.44 8.07
C SER A 334 -32.82 -11.22 8.20
N ARG A 335 -33.21 -10.51 9.25
CA ARG A 335 -34.61 -10.18 9.52
C ARG A 335 -35.07 -9.19 8.46
N LEU A 336 -34.19 -8.23 8.17
CA LEU A 336 -34.45 -7.18 7.19
C LEU A 336 -34.83 -7.76 5.83
N VAL A 337 -33.92 -8.50 5.21
CA VAL A 337 -34.25 -9.15 3.94
C VAL A 337 -34.92 -10.38 4.57
N GLY A 338 -35.55 -11.26 3.81
CA GLY A 338 -36.19 -12.38 4.49
C GLY A 338 -35.49 -13.71 4.38
N GLN A 339 -34.19 -13.75 4.62
CA GLN A 339 -33.49 -15.01 4.49
C GLN A 339 -32.73 -15.45 5.72
N PRO A 340 -32.37 -16.73 5.78
CA PRO A 340 -31.63 -17.34 6.88
C PRO A 340 -30.25 -16.74 7.13
N LEU A 341 -29.88 -16.65 8.40
CA LEU A 341 -28.60 -16.08 8.81
C LEU A 341 -27.42 -16.71 8.07
N TRP A 342 -27.43 -18.05 7.97
CA TRP A 342 -26.37 -18.79 7.29
C TRP A 342 -26.12 -18.18 5.92
N ASP A 343 -27.21 -17.98 5.18
CA ASP A 343 -27.19 -17.42 3.83
C ASP A 343 -26.78 -15.94 3.80
N VAL A 344 -27.43 -15.14 4.64
CA VAL A 344 -27.14 -13.72 4.70
C VAL A 344 -25.70 -13.40 5.09
N SER A 345 -25.20 -14.10 6.11
CA SER A 345 -23.84 -13.88 6.57
C SER A 345 -22.81 -14.14 5.50
N ARG A 346 -23.21 -14.83 4.45
CA ARG A 346 -22.28 -15.16 3.38
C ARG A 346 -22.58 -14.49 2.05
N SER A 347 -23.63 -13.68 2.02
CA SER A 347 -24.02 -13.01 0.79
C SER A 347 -23.45 -11.61 0.59
N SER A 348 -23.45 -11.16 -0.65
CA SER A 348 -22.97 -9.84 -0.99
C SER A 348 -24.15 -8.88 -0.80
N THR A 349 -23.86 -7.59 -0.72
CA THR A 349 -24.92 -6.63 -0.54
C THR A 349 -25.87 -6.66 -1.73
N GLY A 350 -25.31 -6.94 -2.91
CA GLY A 350 -26.13 -6.99 -4.10
C GLY A 350 -27.12 -8.15 -4.05
N ASN A 351 -26.65 -9.32 -3.62
CA ASN A 351 -27.54 -10.45 -3.55
C ASN A 351 -28.46 -10.27 -2.34
N LEU A 352 -28.01 -9.46 -1.40
CA LEU A 352 -28.80 -9.19 -0.21
C LEU A 352 -29.98 -8.31 -0.64
N VAL A 353 -29.72 -7.38 -1.56
CA VAL A 353 -30.78 -6.52 -2.04
C VAL A 353 -31.75 -7.33 -2.89
N GLU A 354 -31.22 -8.18 -3.75
CA GLU A 354 -32.05 -9.01 -4.62
C GLU A 354 -33.05 -9.79 -3.79
N TRP A 355 -32.56 -10.49 -2.78
CA TRP A 355 -33.46 -11.26 -1.94
C TRP A 355 -34.60 -10.40 -1.41
N PHE A 356 -34.25 -9.20 -0.95
CA PHE A 356 -35.22 -8.25 -0.40
C PHE A 356 -36.30 -7.90 -1.42
N LEU A 357 -35.90 -7.61 -2.65
CA LEU A 357 -36.84 -7.25 -3.69
C LEU A 357 -37.77 -8.39 -4.06
N LEU A 358 -37.23 -9.61 -4.07
CA LEU A 358 -38.03 -10.79 -4.40
C LEU A 358 -39.23 -10.96 -3.47
N ARG A 359 -39.05 -10.70 -2.18
CA ARG A 359 -40.17 -10.87 -1.26
C ARG A 359 -41.01 -9.62 -1.22
N LYS A 360 -40.40 -8.50 -1.59
CA LYS A 360 -41.14 -7.24 -1.63
C LYS A 360 -41.89 -7.26 -2.96
N ALA A 361 -41.42 -8.09 -3.89
CA ALA A 361 -42.07 -8.22 -5.20
C ALA A 361 -43.31 -9.08 -5.06
N TYR A 362 -43.25 -10.04 -4.16
CA TYR A 362 -44.37 -10.95 -3.93
C TYR A 362 -45.40 -10.29 -3.01
N GLU A 363 -44.95 -9.45 -2.07
CA GLU A 363 -45.88 -8.77 -1.17
C GLU A 363 -46.78 -7.92 -2.04
N ARG A 364 -46.19 -7.12 -2.91
CA ARG A 364 -46.97 -6.34 -3.85
C ARG A 364 -47.23 -7.46 -4.85
N ASN A 365 -48.07 -7.28 -5.86
CA ASN A 365 -48.28 -8.40 -6.76
C ASN A 365 -47.40 -8.28 -8.00
N GLU A 366 -46.14 -7.95 -7.76
CA GLU A 366 -45.18 -7.75 -8.83
C GLU A 366 -44.36 -8.98 -9.26
N VAL A 367 -44.45 -9.35 -10.53
CA VAL A 367 -43.67 -10.49 -11.02
C VAL A 367 -42.23 -10.02 -11.10
N ALA A 368 -41.31 -10.92 -10.79
CA ALA A 368 -39.90 -10.57 -10.81
C ALA A 368 -39.20 -10.77 -12.15
N PRO A 369 -38.32 -9.84 -12.52
CA PRO A 369 -37.60 -9.96 -13.79
C PRO A 369 -36.65 -11.15 -13.60
N ASN A 370 -36.05 -11.64 -14.67
CA ASN A 370 -35.15 -12.77 -14.52
C ASN A 370 -33.71 -12.30 -14.51
N LYS A 371 -32.80 -13.19 -14.14
CA LYS A 371 -31.39 -12.83 -14.12
C LYS A 371 -30.99 -12.62 -15.57
N PRO A 372 -29.93 -11.87 -15.82
CA PRO A 372 -29.56 -11.69 -17.23
C PRO A 372 -29.14 -13.04 -17.81
N SER A 373 -29.24 -13.18 -19.13
CA SER A 373 -28.83 -14.41 -19.79
C SER A 373 -27.30 -14.39 -19.81
N GLU A 374 -26.68 -15.57 -19.87
CA GLU A 374 -25.23 -15.67 -19.86
C GLU A 374 -24.55 -14.64 -20.76
N GLU A 375 -25.15 -14.31 -21.90
CA GLU A 375 -24.52 -13.33 -22.76
C GLU A 375 -24.82 -11.91 -22.24
N GLU A 376 -26.02 -11.71 -21.71
CA GLU A 376 -26.40 -10.42 -21.17
C GLU A 376 -25.46 -10.09 -20.01
N TYR A 377 -25.32 -11.07 -19.13
CA TYR A 377 -24.45 -10.99 -17.96
C TYR A 377 -23.02 -10.66 -18.37
N GLN A 378 -22.61 -11.21 -19.50
CA GLN A 378 -21.26 -11.02 -19.98
C GLN A 378 -21.01 -9.66 -20.60
N ARG A 379 -21.94 -9.17 -21.41
CA ARG A 379 -21.75 -7.87 -22.03
C ARG A 379 -22.05 -6.79 -21.00
N ARG A 380 -22.56 -7.21 -19.86
CA ARG A 380 -22.85 -6.27 -18.78
C ARG A 380 -21.56 -6.11 -17.98
N LEU A 381 -20.84 -7.21 -17.76
CA LEU A 381 -19.58 -7.17 -17.04
C LEU A 381 -18.60 -6.33 -17.87
N ARG A 382 -18.82 -6.30 -19.17
CA ARG A 382 -17.95 -5.57 -20.10
C ARG A 382 -18.26 -4.08 -20.17
N GLU A 383 -19.48 -3.71 -19.80
CA GLU A 383 -19.90 -2.31 -19.85
C GLU A 383 -19.28 -1.48 -18.73
N SER A 384 -18.79 -0.30 -19.09
CA SER A 384 -18.17 0.58 -18.12
C SER A 384 -19.18 0.91 -17.04
N TYR A 385 -18.72 1.41 -15.90
CA TYR A 385 -19.62 1.78 -14.82
C TYR A 385 -19.13 2.99 -14.05
N THR A 386 -20.06 3.79 -13.56
CA THR A 386 -19.76 5.02 -12.82
C THR A 386 -19.21 4.86 -11.39
N GLY A 387 -18.57 5.92 -10.90
CA GLY A 387 -18.01 5.90 -9.56
C GLY A 387 -18.08 7.24 -8.86
N GLY A 388 -17.53 7.30 -7.66
CA GLY A 388 -17.56 8.53 -6.87
C GLY A 388 -16.79 9.73 -7.39
N PHE A 389 -17.46 10.89 -7.37
CA PHE A 389 -16.91 12.18 -7.81
C PHE A 389 -15.73 12.56 -6.89
N VAL A 390 -14.56 12.89 -7.47
CA VAL A 390 -13.38 13.28 -6.70
C VAL A 390 -12.71 14.52 -7.28
N LYS A 391 -12.55 15.55 -6.45
CA LYS A 391 -11.92 16.79 -6.91
C LYS A 391 -10.42 16.78 -6.66
N GLU A 392 -9.64 17.05 -7.70
CA GLU A 392 -8.20 17.15 -7.54
C GLU A 392 -8.07 18.13 -6.37
N PRO A 393 -7.38 17.74 -5.31
CA PRO A 393 -7.24 18.63 -4.15
C PRO A 393 -6.37 19.85 -4.34
N GLU A 394 -6.66 20.90 -3.57
CA GLU A 394 -5.85 22.10 -3.59
C GLU A 394 -4.64 21.74 -2.74
N LYS A 395 -3.45 22.12 -3.19
CA LYS A 395 -2.24 21.80 -2.45
C LYS A 395 -1.99 22.70 -1.25
N GLY A 396 -0.93 22.39 -0.51
CA GLY A 396 -0.57 23.19 0.64
C GLY A 396 -1.11 22.67 1.96
N LEU A 397 -0.78 23.40 3.02
CA LEU A 397 -1.21 23.08 4.38
C LEU A 397 -2.32 24.07 4.72
N TRP A 398 -3.43 23.56 5.25
CA TRP A 398 -4.56 24.42 5.59
C TRP A 398 -4.96 24.36 7.06
N GLU A 399 -5.62 25.41 7.53
CA GLU A 399 -6.07 25.48 8.90
C GLU A 399 -7.58 25.64 9.05
N ASN A 400 -8.09 25.19 10.18
CA ASN A 400 -9.51 25.31 10.46
C ASN A 400 -10.29 24.82 9.26
N ILE A 401 -10.31 23.51 9.08
CA ILE A 401 -11.02 22.89 7.96
C ILE A 401 -12.31 22.26 8.43
N VAL A 402 -13.37 22.44 7.66
CA VAL A 402 -14.63 21.82 8.01
C VAL A 402 -14.94 20.78 6.95
N TYR A 403 -15.57 19.69 7.35
CA TYR A 403 -15.95 18.65 6.42
C TYR A 403 -17.48 18.57 6.40
N LEU A 404 -18.07 18.84 5.26
CA LEU A 404 -19.52 18.76 5.10
C LEU A 404 -19.85 17.56 4.20
N ASP A 405 -20.86 16.77 4.55
CA ASP A 405 -21.21 15.65 3.70
C ASP A 405 -22.71 15.50 3.55
N PHE A 406 -23.14 14.81 2.49
CA PHE A 406 -24.55 14.59 2.26
C PHE A 406 -24.97 13.40 3.08
N ARG A 407 -26.20 13.45 3.57
CA ARG A 407 -26.76 12.40 4.40
C ARG A 407 -27.48 11.42 3.45
N ALA A 408 -27.04 10.17 3.40
CA ALA A 408 -27.66 9.17 2.54
C ALA A 408 -27.82 9.70 1.12
N LEU A 409 -26.74 10.21 0.56
CA LEU A 409 -26.73 10.80 -0.77
C LEU A 409 -27.43 10.04 -1.88
N TYR A 410 -26.94 8.85 -2.20
CA TYR A 410 -27.57 8.12 -3.29
C TYR A 410 -28.99 7.68 -3.00
N PRO A 411 -29.24 7.17 -1.78
CA PRO A 411 -30.61 6.76 -1.50
C PRO A 411 -31.53 7.98 -1.61
N SER A 412 -31.08 9.12 -1.08
CA SER A 412 -31.89 10.33 -1.11
C SER A 412 -32.26 10.72 -2.54
N ILE A 413 -31.28 10.67 -3.44
CA ILE A 413 -31.47 11.00 -4.84
C ILE A 413 -32.42 10.00 -5.51
N ILE A 414 -32.24 8.71 -5.22
CA ILE A 414 -33.10 7.71 -5.82
C ILE A 414 -34.53 7.97 -5.43
N ILE A 415 -34.72 8.37 -4.19
CA ILE A 415 -36.06 8.65 -3.69
C ILE A 415 -36.64 9.94 -4.26
N THR A 416 -35.99 11.09 -4.05
CA THR A 416 -36.58 12.32 -4.53
C THR A 416 -36.71 12.49 -6.04
N HIS A 417 -36.03 11.66 -6.82
CA HIS A 417 -36.15 11.80 -8.28
C HIS A 417 -36.76 10.54 -8.90
N ASN A 418 -37.42 9.76 -8.05
CA ASN A 418 -38.11 8.53 -8.47
C ASN A 418 -37.34 7.68 -9.46
N VAL A 419 -36.03 7.54 -9.28
CA VAL A 419 -35.18 6.74 -10.18
C VAL A 419 -35.38 5.22 -10.01
N SER A 420 -35.99 4.61 -11.01
CA SER A 420 -36.30 3.17 -11.00
C SER A 420 -36.47 2.68 -12.44
N PRO A 421 -36.28 1.37 -12.67
CA PRO A 421 -36.43 0.82 -14.03
C PRO A 421 -37.84 1.05 -14.61
N ASP A 422 -38.85 0.87 -13.76
CA ASP A 422 -40.24 1.03 -14.16
C ASP A 422 -40.75 2.47 -14.34
N THR A 423 -39.90 3.46 -14.05
CA THR A 423 -40.29 4.85 -14.24
C THR A 423 -39.34 5.53 -15.22
N LEU A 424 -38.39 4.77 -15.74
CA LEU A 424 -37.41 5.30 -16.70
C LEU A 424 -37.98 5.51 -18.09
N ASN A 425 -38.08 6.77 -18.48
CA ASN A 425 -38.57 7.13 -19.80
C ASN A 425 -39.99 6.69 -20.15
N LEU A 426 -40.90 6.63 -19.18
CA LEU A 426 -42.28 6.31 -19.51
C LEU A 426 -42.76 7.53 -20.30
N GLU A 427 -43.88 7.42 -20.99
CA GLU A 427 -44.36 8.59 -21.73
C GLU A 427 -45.69 9.06 -21.16
N GLY A 428 -46.03 10.31 -21.49
CA GLY A 428 -47.28 10.86 -21.01
C GLY A 428 -47.37 10.90 -19.50
N CYS A 429 -46.39 11.51 -18.85
CA CYS A 429 -46.40 11.65 -17.40
C CYS A 429 -46.60 13.13 -17.18
N LYS A 430 -47.38 13.48 -16.16
CA LYS A 430 -47.65 14.87 -15.87
C LYS A 430 -46.36 15.58 -15.47
N ASN A 431 -45.42 14.83 -14.91
CA ASN A 431 -44.15 15.40 -14.49
C ASN A 431 -43.01 14.40 -14.53
N TYR A 432 -41.82 14.91 -14.82
CA TYR A 432 -40.63 14.09 -14.85
C TYR A 432 -39.50 14.82 -14.16
N ASP A 433 -38.50 14.05 -13.75
CA ASP A 433 -37.29 14.62 -13.19
C ASP A 433 -36.30 14.13 -14.26
N ILE A 434 -35.36 15.00 -14.62
CA ILE A 434 -34.39 14.69 -15.67
C ILE A 434 -32.94 14.61 -15.17
N ALA A 435 -32.30 13.48 -15.44
CA ALA A 435 -30.92 13.31 -15.01
C ALA A 435 -30.02 14.34 -15.67
N PRO A 436 -29.30 15.13 -14.87
CA PRO A 436 -28.37 16.20 -15.26
C PRO A 436 -27.57 16.08 -16.57
N GLN A 437 -26.70 15.09 -16.70
CA GLN A 437 -25.92 15.05 -17.95
C GLN A 437 -26.47 14.05 -18.95
N VAL A 438 -26.80 12.87 -18.46
CA VAL A 438 -27.29 11.81 -19.30
C VAL A 438 -28.73 12.03 -19.74
N GLY A 439 -29.33 13.11 -19.25
CA GLY A 439 -30.70 13.46 -19.61
C GLY A 439 -31.83 12.43 -19.49
N HIS A 440 -31.63 11.37 -18.71
CA HIS A 440 -32.69 10.37 -18.56
C HIS A 440 -33.94 10.91 -17.89
N LYS A 441 -35.10 10.40 -18.32
CA LYS A 441 -36.38 10.82 -17.78
C LYS A 441 -36.95 9.85 -16.78
N PHE A 442 -37.53 10.41 -15.72
CA PHE A 442 -38.14 9.59 -14.69
C PHE A 442 -39.50 10.16 -14.35
N CYS A 443 -40.51 9.33 -14.51
CA CYS A 443 -41.89 9.71 -14.21
C CYS A 443 -42.00 9.99 -12.73
N LYS A 444 -42.63 11.10 -12.37
CA LYS A 444 -42.78 11.47 -10.97
C LYS A 444 -44.21 11.25 -10.50
N ASP A 445 -45.05 10.77 -11.41
CA ASP A 445 -46.46 10.56 -11.13
C ASP A 445 -46.77 9.53 -10.06
N ILE A 446 -46.20 8.32 -10.19
CA ILE A 446 -46.42 7.27 -9.21
C ILE A 446 -45.05 6.81 -8.73
N PRO A 447 -44.87 6.70 -7.40
CA PRO A 447 -43.60 6.27 -6.82
C PRO A 447 -43.10 4.96 -7.44
N GLY A 448 -41.85 4.95 -7.88
CA GLY A 448 -41.28 3.77 -8.49
C GLY A 448 -41.19 2.61 -7.51
N PHE A 449 -41.15 1.38 -8.02
CA PHE A 449 -41.05 0.20 -7.17
C PHE A 449 -39.93 0.33 -6.13
N ILE A 450 -38.70 0.48 -6.62
CA ILE A 450 -37.58 0.60 -5.72
C ILE A 450 -37.66 1.87 -4.88
N PRO A 451 -37.93 3.02 -5.51
CA PRO A 451 -38.01 4.24 -4.69
C PRO A 451 -39.06 4.13 -3.58
N SER A 452 -40.16 3.43 -3.86
CA SER A 452 -41.21 3.25 -2.86
C SER A 452 -40.62 2.54 -1.63
N LEU A 453 -40.00 1.39 -1.87
CA LEU A 453 -39.40 0.57 -0.81
C LEU A 453 -38.25 1.24 -0.07
N LEU A 454 -37.46 2.00 -0.81
CA LEU A 454 -36.32 2.69 -0.21
C LEU A 454 -36.86 3.84 0.66
N GLY A 455 -37.92 4.49 0.18
CA GLY A 455 -38.53 5.57 0.93
C GLY A 455 -39.04 5.04 2.27
N HIS A 456 -39.73 3.91 2.23
CA HIS A 456 -40.24 3.28 3.44
C HIS A 456 -39.12 2.82 4.38
N LEU A 457 -38.04 2.32 3.81
CA LEU A 457 -36.89 1.88 4.60
C LEU A 457 -36.28 3.02 5.38
N LEU A 458 -36.22 4.20 4.76
CA LEU A 458 -35.66 5.37 5.43
C LEU A 458 -36.64 5.94 6.45
N GLU A 459 -37.93 5.94 6.15
CA GLU A 459 -38.88 6.45 7.12
C GLU A 459 -38.80 5.54 8.34
N GLU A 460 -38.81 4.23 8.10
CA GLU A 460 -38.73 3.24 9.15
C GLU A 460 -37.47 3.40 10.00
N ARG A 461 -36.41 3.91 9.40
CA ARG A 461 -35.16 4.10 10.12
C ARG A 461 -35.23 5.28 11.09
N GLN A 462 -35.76 6.41 10.63
CA GLN A 462 -35.91 7.58 11.48
C GLN A 462 -36.75 7.15 12.68
N LYS A 463 -37.79 6.38 12.40
CA LYS A 463 -38.67 5.85 13.45
C LYS A 463 -37.77 5.27 14.54
N ILE A 464 -36.89 4.38 14.12
CA ILE A 464 -35.95 3.73 15.01
C ILE A 464 -35.17 4.79 15.77
N LYS A 465 -34.35 5.57 15.06
CA LYS A 465 -33.55 6.61 15.68
C LYS A 465 -34.33 7.47 16.67
N THR A 466 -35.63 7.63 16.44
CA THR A 466 -36.49 8.42 17.32
C THR A 466 -36.83 7.61 18.58
N LYS A 467 -37.48 6.47 18.38
CA LYS A 467 -37.86 5.60 19.50
C LYS A 467 -36.61 5.14 20.24
N MSE A 468 -35.46 5.50 19.70
CA MSE A 468 -34.17 5.13 20.26
C MSE A 468 -33.69 6.13 21.30
O MSE A 468 -33.59 5.81 22.49
CB MSE A 468 -33.14 5.01 19.14
CG MSE A 468 -31.72 4.72 19.58
SE MSE A 468 -30.60 4.20 18.10
CE MSE A 468 -30.24 5.97 17.38
N LYS A 469 -33.38 7.35 20.87
CA LYS A 469 -32.90 8.38 21.79
C LYS A 469 -33.93 8.66 22.88
N GLU A 470 -35.12 8.04 22.75
CA GLU A 470 -36.20 8.23 23.72
C GLU A 470 -36.17 7.22 24.87
N THR A 471 -36.61 5.99 24.60
CA THR A 471 -36.66 4.92 25.59
C THR A 471 -35.41 4.89 26.48
N GLN A 472 -35.56 4.31 27.67
CA GLN A 472 -34.46 4.23 28.61
C GLN A 472 -34.02 2.81 28.92
N ASP A 473 -34.21 1.91 27.96
CA ASP A 473 -33.82 0.52 28.13
C ASP A 473 -32.54 0.31 27.30
N PRO A 474 -31.38 0.70 27.84
CA PRO A 474 -30.08 0.57 27.16
C PRO A 474 -29.90 -0.68 26.30
N ILE A 475 -30.49 -1.80 26.73
CA ILE A 475 -30.38 -3.02 25.96
C ILE A 475 -31.17 -2.86 24.66
N GLU A 476 -32.35 -2.24 24.77
CA GLU A 476 -33.20 -1.97 23.63
C GLU A 476 -32.52 -0.87 22.81
N LYS A 477 -32.17 0.23 23.49
CA LYS A 477 -31.48 1.35 22.86
C LYS A 477 -30.23 0.86 22.13
N ILE A 478 -29.93 -0.43 22.27
CA ILE A 478 -28.79 -1.04 21.62
C ILE A 478 -29.28 -1.90 20.48
N LEU A 479 -30.26 -2.75 20.77
CA LEU A 479 -30.82 -3.64 19.77
C LEU A 479 -31.35 -2.85 18.58
N LEU A 480 -32.01 -1.72 18.86
CA LEU A 480 -32.53 -0.91 17.77
C LEU A 480 -31.46 -0.03 17.10
N ASP A 481 -30.30 0.13 17.75
CA ASP A 481 -29.23 0.89 17.14
C ASP A 481 -28.74 -0.05 16.03
N TYR A 482 -28.97 -1.34 16.25
CA TYR A 482 -28.58 -2.36 15.30
C TYR A 482 -29.57 -2.43 14.14
N ARG A 483 -30.85 -2.31 14.47
CA ARG A 483 -31.91 -2.35 13.47
C ARG A 483 -31.86 -1.15 12.55
N GLN A 484 -31.36 -0.03 13.06
CA GLN A 484 -31.25 1.16 12.25
C GLN A 484 -29.97 1.07 11.42
N LYS A 485 -28.95 0.39 11.95
CA LYS A 485 -27.71 0.23 11.19
C LYS A 485 -27.92 -0.74 10.02
N ALA A 486 -28.73 -1.78 10.23
CA ALA A 486 -29.00 -2.74 9.19
C ALA A 486 -29.73 -2.05 8.03
N ILE A 487 -30.66 -1.16 8.36
CA ILE A 487 -31.37 -0.43 7.32
C ILE A 487 -30.38 0.46 6.57
N LYS A 488 -29.49 1.12 7.31
CA LYS A 488 -28.47 2.00 6.71
C LYS A 488 -27.65 1.22 5.69
N LEU A 489 -27.16 0.05 6.12
CA LEU A 489 -26.36 -0.81 5.26
C LEU A 489 -27.14 -1.21 4.02
N LEU A 490 -28.34 -1.75 4.22
CA LEU A 490 -29.17 -2.17 3.11
C LEU A 490 -29.49 -1.07 2.10
N ALA A 491 -29.89 0.11 2.57
CA ALA A 491 -30.21 1.19 1.64
C ALA A 491 -28.97 1.62 0.85
N ASN A 492 -27.84 1.78 1.53
CA ASN A 492 -26.62 2.18 0.84
C ASN A 492 -26.20 1.17 -0.21
N SER A 493 -26.87 0.03 -0.23
CA SER A 493 -26.55 -1.02 -1.19
C SER A 493 -27.34 -0.97 -2.49
N PHE A 494 -28.42 -0.19 -2.52
CA PHE A 494 -29.23 -0.08 -3.74
C PHE A 494 -28.53 0.57 -4.92
N TYR A 495 -27.73 1.59 -4.67
CA TYR A 495 -27.01 2.28 -5.73
C TYR A 495 -26.24 1.26 -6.55
N GLY A 496 -25.36 0.52 -5.87
CA GLY A 496 -24.56 -0.50 -6.53
C GLY A 496 -25.35 -1.66 -7.12
N TYR A 497 -26.52 -1.95 -6.56
CA TYR A 497 -27.32 -3.04 -7.08
C TYR A 497 -27.73 -2.70 -8.51
N TYR A 498 -28.10 -1.44 -8.73
CA TYR A 498 -28.52 -1.00 -10.04
C TYR A 498 -27.55 -1.41 -11.13
N GLY A 499 -26.27 -1.49 -10.76
CA GLY A 499 -25.23 -1.87 -11.71
C GLY A 499 -24.71 -3.27 -11.48
N TYR A 500 -25.27 -3.96 -10.50
CA TYR A 500 -24.86 -5.33 -10.21
C TYR A 500 -25.18 -6.19 -11.46
N ALA A 501 -24.13 -6.67 -12.10
CA ALA A 501 -24.26 -7.49 -13.30
C ALA A 501 -25.32 -8.59 -13.26
N LYS A 502 -25.40 -9.31 -12.14
CA LYS A 502 -26.36 -10.41 -12.01
C LYS A 502 -27.67 -10.00 -11.37
N ALA A 503 -28.00 -8.73 -11.44
CA ALA A 503 -29.22 -8.22 -10.83
C ALA A 503 -30.44 -8.27 -11.72
N ARG A 504 -31.57 -8.64 -11.14
CA ARG A 504 -32.80 -8.69 -11.92
C ARG A 504 -33.26 -7.26 -12.22
N TRP A 505 -33.37 -6.44 -11.18
CA TRP A 505 -33.82 -5.07 -11.39
C TRP A 505 -32.69 -4.14 -11.80
N TYR A 506 -31.77 -4.69 -12.58
CA TYR A 506 -30.64 -3.97 -13.12
C TYR A 506 -31.17 -2.82 -14.01
N CYS A 507 -30.46 -1.71 -14.02
CA CYS A 507 -30.84 -0.55 -14.83
C CYS A 507 -29.66 0.40 -14.84
N LYS A 508 -28.87 0.29 -15.91
CA LYS A 508 -27.67 1.11 -16.07
C LYS A 508 -28.00 2.60 -16.05
N GLU A 509 -29.17 2.95 -16.59
CA GLU A 509 -29.61 4.35 -16.63
C GLU A 509 -29.81 4.93 -15.24
N CYS A 510 -30.45 4.15 -14.37
CA CYS A 510 -30.71 4.56 -13.01
C CYS A 510 -29.35 4.84 -12.38
N ALA A 511 -28.42 3.92 -12.58
CA ALA A 511 -27.06 4.03 -12.05
C ALA A 511 -26.39 5.37 -12.42
N GLU A 512 -26.31 5.61 -13.72
CA GLU A 512 -25.71 6.82 -14.27
C GLU A 512 -26.43 8.08 -13.77
N SER A 513 -27.75 7.99 -13.69
CA SER A 513 -28.54 9.12 -13.26
C SER A 513 -28.24 9.51 -11.83
N VAL A 514 -28.19 8.52 -10.96
CA VAL A 514 -27.89 8.73 -9.55
C VAL A 514 -26.53 9.42 -9.43
N THR A 515 -25.59 8.97 -10.25
CA THR A 515 -24.26 9.53 -10.23
C THR A 515 -24.26 10.97 -10.72
N ALA A 516 -24.87 11.20 -11.88
CA ALA A 516 -24.92 12.55 -12.43
C ALA A 516 -25.53 13.51 -11.41
N TRP A 517 -26.67 13.13 -10.83
CA TRP A 517 -27.31 13.95 -9.81
C TRP A 517 -26.36 14.15 -8.63
N GLY A 518 -25.65 13.10 -8.24
CA GLY A 518 -24.70 13.26 -7.16
C GLY A 518 -23.78 14.41 -7.53
N ARG A 519 -23.24 14.36 -8.75
CA ARG A 519 -22.34 15.39 -9.23
C ARG A 519 -23.01 16.77 -9.14
N LYS A 520 -24.24 16.84 -9.62
CA LYS A 520 -24.96 18.11 -9.61
C LYS A 520 -25.07 18.76 -8.24
N TYR A 521 -25.43 17.97 -7.23
CA TYR A 521 -25.60 18.52 -5.90
C TYR A 521 -24.28 18.86 -5.26
N ILE A 522 -23.25 18.07 -5.58
CA ILE A 522 -21.89 18.30 -5.07
C ILE A 522 -21.38 19.63 -5.64
N GLU A 523 -21.56 19.81 -6.94
CA GLU A 523 -21.11 21.03 -7.59
C GLU A 523 -21.90 22.25 -7.15
N LEU A 524 -23.18 22.04 -6.90
CA LEU A 524 -24.03 23.12 -6.46
C LEU A 524 -23.51 23.58 -5.09
N VAL A 525 -23.36 22.63 -4.18
CA VAL A 525 -22.88 22.96 -2.85
C VAL A 525 -21.54 23.68 -2.94
N TRP A 526 -20.65 23.12 -3.75
CA TRP A 526 -19.31 23.67 -3.96
C TRP A 526 -19.42 25.11 -4.45
N LYS A 527 -20.24 25.31 -5.48
CA LYS A 527 -20.45 26.62 -6.07
C LYS A 527 -20.86 27.68 -5.04
N GLU A 528 -21.99 27.45 -4.37
CA GLU A 528 -22.47 28.40 -3.40
C GLU A 528 -21.64 28.51 -2.15
N LEU A 529 -20.83 27.49 -1.87
CA LEU A 529 -20.01 27.53 -0.67
C LEU A 529 -18.90 28.55 -0.83
N GLU A 530 -18.38 28.69 -2.05
CA GLU A 530 -17.31 29.64 -2.33
C GLU A 530 -17.81 31.02 -2.78
N GLU A 531 -18.81 31.01 -3.66
CA GLU A 531 -19.34 32.27 -4.19
C GLU A 531 -20.19 33.11 -3.24
N LYS A 532 -20.80 32.50 -2.24
CA LYS A 532 -21.65 33.25 -1.35
C LYS A 532 -21.06 33.39 0.04
N PHE A 533 -20.55 32.30 0.60
CA PHE A 533 -20.00 32.38 1.94
C PHE A 533 -18.51 32.61 2.00
N GLY A 534 -17.90 32.76 0.84
CA GLY A 534 -16.48 33.04 0.77
C GLY A 534 -15.58 31.92 1.19
N PHE A 535 -16.06 30.68 1.09
CA PHE A 535 -15.21 29.55 1.46
C PHE A 535 -14.31 29.19 0.28
N LYS A 536 -13.44 28.22 0.53
CA LYS A 536 -12.53 27.70 -0.48
C LYS A 536 -12.61 26.20 -0.31
N VAL A 537 -13.12 25.51 -1.33
CA VAL A 537 -13.23 24.06 -1.23
C VAL A 537 -11.86 23.45 -1.47
N LEU A 538 -11.40 22.67 -0.50
CA LEU A 538 -10.09 22.04 -0.58
C LEU A 538 -10.08 20.66 -1.25
N TYR A 539 -11.09 19.85 -0.97
CA TYR A 539 -11.13 18.50 -1.53
C TYR A 539 -12.54 17.95 -1.51
N ILE A 540 -12.91 17.26 -2.55
CA ILE A 540 -14.19 16.64 -2.57
C ILE A 540 -13.96 15.24 -2.90
N ASP A 541 -14.77 14.41 -2.34
CA ASP A 541 -14.70 13.04 -2.74
C ASP A 541 -16.07 12.48 -2.57
N THR A 542 -16.43 11.64 -3.49
CA THR A 542 -17.75 11.02 -3.53
C THR A 542 -18.80 11.88 -2.75
N ASP A 543 -19.02 11.65 -1.42
CA ASP A 543 -20.04 12.45 -0.68
C ASP A 543 -19.56 13.72 0.02
N GLY A 544 -18.34 13.77 0.42
CA GLY A 544 -17.98 14.91 1.25
C GLY A 544 -17.11 15.96 0.62
N LEU A 545 -17.18 17.13 1.20
CA LEU A 545 -16.38 18.27 0.78
C LEU A 545 -15.61 18.78 2.02
N TYR A 546 -14.37 19.19 1.77
CA TYR A 546 -13.54 19.80 2.80
C TYR A 546 -13.42 21.25 2.42
N ALA A 547 -13.64 22.15 3.38
CA ALA A 547 -13.53 23.56 3.05
C ALA A 547 -13.01 24.44 4.18
N THR A 548 -12.69 25.67 3.82
CA THR A 548 -12.23 26.63 4.80
C THR A 548 -12.26 28.04 4.26
N ILE A 549 -12.29 29.00 5.17
CA ILE A 549 -12.26 30.39 4.79
C ILE A 549 -10.80 30.73 4.97
N PRO A 550 -10.05 30.76 3.88
CA PRO A 550 -8.61 31.08 3.97
C PRO A 550 -8.31 32.27 4.88
N GLY A 551 -7.45 32.05 5.88
CA GLY A 551 -7.09 33.13 6.79
C GLY A 551 -8.11 33.47 7.87
N GLY A 552 -9.36 33.04 7.69
CA GLY A 552 -10.38 33.32 8.68
C GLY A 552 -10.16 32.69 10.04
N GLU A 553 -10.87 33.21 11.03
CA GLU A 553 -10.82 32.75 12.42
C GLU A 553 -11.55 31.42 12.59
N SER A 554 -11.02 30.55 13.46
CA SER A 554 -11.60 29.23 13.69
C SER A 554 -13.10 29.21 14.04
N GLU A 555 -13.55 30.12 14.89
CA GLU A 555 -14.97 30.13 15.26
C GLU A 555 -15.85 30.70 14.16
N GLU A 556 -15.33 31.66 13.42
CA GLU A 556 -16.07 32.26 12.31
C GLU A 556 -16.43 31.17 11.31
N ILE A 557 -15.44 30.32 11.02
CA ILE A 557 -15.59 29.22 10.07
C ILE A 557 -16.66 28.25 10.54
N LYS A 558 -16.51 27.75 11.77
CA LYS A 558 -17.47 26.81 12.35
C LYS A 558 -18.88 27.42 12.32
N LYS A 559 -18.96 28.71 12.63
CA LYS A 559 -20.23 29.42 12.66
C LYS A 559 -20.85 29.55 11.27
N LYS A 560 -20.07 30.04 10.32
CA LYS A 560 -20.55 30.21 8.95
C LYS A 560 -20.77 28.88 8.23
N ALA A 561 -19.94 27.88 8.51
CA ALA A 561 -20.13 26.58 7.87
C ALA A 561 -21.51 26.07 8.22
N LEU A 562 -21.87 26.19 9.48
CA LEU A 562 -23.16 25.73 9.96
C LEU A 562 -24.30 26.59 9.41
N GLU A 563 -24.00 27.87 9.17
CA GLU A 563 -24.97 28.81 8.63
C GLU A 563 -25.28 28.41 7.21
N PHE A 564 -24.22 28.08 6.48
CA PHE A 564 -24.33 27.65 5.10
C PHE A 564 -25.19 26.38 4.98
N VAL A 565 -24.97 25.42 5.87
CA VAL A 565 -25.73 24.18 5.83
C VAL A 565 -27.24 24.41 5.86
N LYS A 566 -27.73 24.99 6.95
CA LYS A 566 -29.16 25.26 7.09
C LYS A 566 -29.66 26.00 5.85
N TYR A 567 -28.83 26.91 5.36
CA TYR A 567 -29.16 27.70 4.19
C TYR A 567 -29.32 26.85 2.93
N ILE A 568 -28.36 25.96 2.68
CA ILE A 568 -28.39 25.14 1.48
C ILE A 568 -29.44 24.03 1.56
N ASN A 569 -29.71 23.55 2.75
CA ASN A 569 -30.69 22.50 2.91
C ASN A 569 -32.09 23.04 2.57
N SER A 570 -32.27 24.35 2.71
CA SER A 570 -33.57 24.94 2.40
C SER A 570 -33.79 24.86 0.90
N LYS A 571 -32.73 25.09 0.14
CA LYS A 571 -32.78 25.05 -1.32
C LYS A 571 -32.70 23.63 -1.94
N LEU A 572 -31.96 22.73 -1.30
CA LEU A 572 -31.84 21.38 -1.83
C LEU A 572 -33.23 20.75 -1.88
N PRO A 573 -33.53 19.99 -2.95
CA PRO A 573 -34.80 19.31 -3.20
C PRO A 573 -35.04 17.94 -2.56
N GLY A 574 -36.31 17.65 -2.28
CA GLY A 574 -36.66 16.38 -1.68
C GLY A 574 -35.89 16.07 -0.42
N LEU A 575 -35.38 14.85 -0.34
CA LEU A 575 -34.62 14.40 0.83
C LEU A 575 -33.15 14.80 0.79
N LEU A 576 -32.72 15.53 -0.24
CA LEU A 576 -31.31 15.90 -0.29
C LEU A 576 -30.96 16.82 0.84
N GLU A 577 -29.91 16.45 1.57
CA GLU A 577 -29.47 17.22 2.71
C GLU A 577 -27.98 17.09 3.07
N LEU A 578 -27.41 18.24 3.41
CA LEU A 578 -26.03 18.36 3.78
C LEU A 578 -25.97 18.56 5.29
N GLU A 579 -24.87 18.13 5.90
CA GLU A 579 -24.70 18.31 7.35
C GLU A 579 -23.27 18.69 7.72
N TYR A 580 -23.13 19.50 8.78
CA TYR A 580 -21.80 19.90 9.27
C TYR A 580 -21.34 18.65 10.02
N GLU A 581 -20.47 17.88 9.37
CA GLU A 581 -19.96 16.63 9.88
C GLU A 581 -18.78 16.72 10.83
N GLY A 582 -17.79 17.54 10.50
CA GLY A 582 -16.64 17.64 11.37
C GLY A 582 -15.80 18.87 11.18
N PHE A 583 -14.81 19.01 12.07
CA PHE A 583 -13.90 20.13 12.03
C PHE A 583 -12.49 19.65 12.31
N TYR A 584 -11.51 20.25 11.64
CA TYR A 584 -10.13 19.86 11.83
C TYR A 584 -9.25 21.08 11.93
N LYS A 585 -8.46 21.11 13.00
CA LYS A 585 -7.58 22.22 13.28
C LYS A 585 -6.64 22.51 12.10
N ARG A 586 -6.22 21.45 11.41
CA ARG A 586 -5.27 21.60 10.30
C ARG A 586 -5.23 20.31 9.48
N GLY A 587 -4.81 20.40 8.22
CA GLY A 587 -4.71 19.22 7.38
C GLY A 587 -4.19 19.54 5.99
N PHE A 588 -3.78 18.52 5.24
CA PHE A 588 -3.28 18.72 3.88
C PHE A 588 -3.74 17.57 2.95
N PHE A 589 -3.92 17.89 1.68
CA PHE A 589 -4.40 16.90 0.73
C PHE A 589 -3.39 16.72 -0.39
N VAL A 590 -2.72 15.58 -0.39
CA VAL A 590 -1.69 15.30 -1.38
C VAL A 590 -2.21 15.04 -2.78
N THR A 591 -3.00 13.99 -2.93
CA THR A 591 -3.59 13.59 -4.21
C THR A 591 -4.96 13.02 -3.91
N LYS A 592 -5.73 12.73 -4.96
CA LYS A 592 -7.03 12.14 -4.73
C LYS A 592 -6.81 10.92 -3.86
N LYS A 593 -7.68 10.69 -2.89
CA LYS A 593 -7.59 9.54 -1.99
C LYS A 593 -6.41 9.51 -1.03
N ARG A 594 -5.55 10.52 -1.06
CA ARG A 594 -4.38 10.55 -0.18
C ARG A 594 -4.36 11.88 0.56
N TYR A 595 -4.60 11.85 1.87
CA TYR A 595 -4.60 13.06 2.66
C TYR A 595 -4.42 12.82 4.17
N ALA A 596 -4.34 13.90 4.93
CA ALA A 596 -4.18 13.82 6.36
C ALA A 596 -4.82 15.03 7.07
N VAL A 597 -5.56 14.74 8.14
CA VAL A 597 -6.20 15.79 8.93
C VAL A 597 -6.07 15.49 10.43
N ILE A 598 -6.42 16.45 11.26
CA ILE A 598 -6.33 16.28 12.70
C ILE A 598 -7.39 17.12 13.39
N ASP A 599 -8.15 16.50 14.29
CA ASP A 599 -9.22 17.19 15.01
C ASP A 599 -8.68 17.97 16.18
N GLU A 600 -9.55 18.72 16.85
CA GLU A 600 -9.15 19.52 18.00
C GLU A 600 -8.75 18.64 19.19
N GLU A 601 -9.11 17.37 19.14
CA GLU A 601 -8.77 16.45 20.21
C GLU A 601 -7.37 15.92 19.94
N GLY A 602 -6.75 16.39 18.87
CA GLY A 602 -5.42 15.96 18.53
C GLY A 602 -5.38 14.61 17.81
N LYS A 603 -6.54 14.05 17.53
CA LYS A 603 -6.65 12.75 16.85
C LYS A 603 -6.45 12.89 15.35
N VAL A 604 -5.42 12.22 14.83
CA VAL A 604 -5.10 12.26 13.42
C VAL A 604 -5.86 11.23 12.58
N ILE A 605 -6.30 11.66 11.40
CA ILE A 605 -7.02 10.83 10.46
C ILE A 605 -6.26 10.92 9.15
N THR A 606 -5.93 9.77 8.57
CA THR A 606 -5.15 9.78 7.34
C THR A 606 -5.60 8.73 6.33
N ARG A 607 -5.32 8.97 5.05
CA ARG A 607 -5.65 8.03 3.98
C ARG A 607 -4.56 8.02 2.91
N GLY A 608 -4.09 6.82 2.59
CA GLY A 608 -3.07 6.65 1.56
C GLY A 608 -1.70 7.22 1.84
N LEU A 609 -1.34 7.36 3.11
CA LEU A 609 -0.04 7.90 3.45
C LEU A 609 0.76 6.99 4.38
N GLU A 610 0.20 6.72 5.56
CA GLU A 610 0.85 5.88 6.56
C GLU A 610 1.28 4.51 6.06
N ILE A 611 2.55 4.16 6.31
CA ILE A 611 3.07 2.85 5.92
C ILE A 611 2.63 1.87 6.98
N VAL A 612 2.06 0.74 6.54
CA VAL A 612 1.57 -0.27 7.46
C VAL A 612 2.41 -1.55 7.47
N ARG A 613 2.15 -2.40 6.48
CA ARG A 613 2.83 -3.70 6.28
C ARG A 613 4.21 -3.84 6.95
N ARG A 614 4.41 -4.95 7.64
CA ARG A 614 5.67 -5.22 8.32
C ARG A 614 6.86 -4.92 7.40
N ASP A 615 6.61 -4.86 6.09
CA ASP A 615 7.65 -4.56 5.10
C ASP A 615 8.49 -3.35 5.48
N TRP A 616 8.04 -2.61 6.47
CA TRP A 616 8.76 -1.43 6.90
C TRP A 616 9.32 -1.61 8.31
N SER A 617 10.57 -1.19 8.48
CA SER A 617 11.24 -1.26 9.77
C SER A 617 10.65 -0.18 10.65
N GLU A 618 10.91 -0.25 11.95
CA GLU A 618 10.37 0.74 12.86
C GLU A 618 11.01 2.12 12.66
N ILE A 619 12.18 2.19 12.02
CA ILE A 619 12.82 3.48 11.83
C ILE A 619 12.08 4.26 10.77
N ALA A 620 11.51 3.52 9.82
CA ALA A 620 10.74 4.12 8.75
C ALA A 620 9.38 4.51 9.32
N LYS A 621 8.72 3.57 9.98
CA LYS A 621 7.43 3.84 10.56
C LYS A 621 7.49 5.04 11.51
N GLU A 622 8.39 4.95 12.48
CA GLU A 622 8.58 5.98 13.50
C GLU A 622 8.81 7.40 12.94
N THR A 623 9.77 7.53 12.02
CA THR A 623 10.07 8.84 11.43
C THR A 623 8.86 9.43 10.72
N GLN A 624 8.20 8.63 9.89
CA GLN A 624 7.02 9.09 9.16
C GLN A 624 6.02 9.68 10.14
N ALA A 625 5.89 9.03 11.30
CA ALA A 625 4.97 9.53 12.30
C ALA A 625 5.51 10.83 12.90
N ARG A 626 6.81 10.92 13.14
CA ARG A 626 7.37 12.16 13.68
C ARG A 626 6.98 13.27 12.70
N VAL A 627 7.18 13.01 11.42
CA VAL A 627 6.87 13.96 10.37
C VAL A 627 5.42 14.37 10.34
N LEU A 628 4.53 13.38 10.38
CA LEU A 628 3.12 13.65 10.33
C LEU A 628 2.61 14.47 11.50
N GLU A 629 3.01 14.14 12.73
CA GLU A 629 2.52 14.92 13.86
C GLU A 629 3.10 16.33 13.96
N THR A 630 4.35 16.54 13.52
CA THR A 630 4.95 17.88 13.56
C THR A 630 4.19 18.82 12.63
N ILE A 631 3.87 18.34 11.43
CA ILE A 631 3.14 19.13 10.45
C ILE A 631 1.68 19.37 10.84
N LEU A 632 1.01 18.34 11.33
CA LEU A 632 -0.39 18.47 11.72
C LEU A 632 -0.60 19.16 13.07
N LYS A 633 0.23 18.82 14.04
CA LYS A 633 0.07 19.41 15.36
C LYS A 633 0.70 20.77 15.52
N HIS A 634 1.81 21.01 14.82
CA HIS A 634 2.49 22.29 14.95
C HIS A 634 2.51 23.11 13.69
N GLY A 635 2.17 22.48 12.58
CA GLY A 635 2.15 23.22 11.34
C GLY A 635 3.46 23.49 10.64
N ASP A 636 4.59 22.94 11.08
CA ASP A 636 5.80 23.23 10.31
C ASP A 636 6.52 22.08 9.61
N VAL A 637 6.46 22.15 8.30
CA VAL A 637 7.11 21.20 7.45
C VAL A 637 8.60 21.32 7.75
N GLU A 638 9.02 22.53 8.13
CA GLU A 638 10.42 22.83 8.42
C GLU A 638 11.03 21.99 9.54
N GLU A 639 10.31 21.83 10.65
CA GLU A 639 10.82 21.02 11.74
C GLU A 639 10.69 19.55 11.34
N ALA A 640 9.82 19.27 10.37
CA ALA A 640 9.61 17.91 9.90
C ALA A 640 10.82 17.48 9.11
N VAL A 641 11.27 18.36 8.21
CA VAL A 641 12.43 18.10 7.40
C VAL A 641 13.65 17.95 8.29
N ARG A 642 13.76 18.84 9.27
CA ARG A 642 14.88 18.83 10.21
C ARG A 642 14.99 17.42 10.80
N ILE A 643 13.86 16.90 11.25
CA ILE A 643 13.79 15.56 11.82
C ILE A 643 14.34 14.53 10.83
N VAL A 644 13.72 14.46 9.66
CA VAL A 644 14.17 13.53 8.65
C VAL A 644 15.68 13.57 8.42
N LYS A 645 16.23 14.78 8.30
CA LYS A 645 17.66 14.89 8.05
C LYS A 645 18.49 14.29 9.20
N GLU A 646 18.14 14.64 10.43
CA GLU A 646 18.82 14.13 11.61
C GLU A 646 18.81 12.59 11.60
N VAL A 647 17.65 12.00 11.30
CA VAL A 647 17.52 10.55 11.25
C VAL A 647 18.37 9.98 10.13
N ILE A 648 18.31 10.60 8.96
CA ILE A 648 19.10 10.14 7.82
C ILE A 648 20.57 10.12 8.22
N GLN A 649 20.99 11.15 8.96
CA GLN A 649 22.37 11.25 9.39
C GLN A 649 22.75 10.12 10.34
N LYS A 650 21.93 9.94 11.38
CA LYS A 650 22.19 8.90 12.35
C LYS A 650 22.34 7.55 11.65
N LEU A 651 21.51 7.31 10.63
CA LEU A 651 21.58 6.06 9.90
C LEU A 651 22.95 5.93 9.29
N ALA A 652 23.45 7.02 8.72
CA ALA A 652 24.76 7.05 8.09
C ALA A 652 25.91 6.89 9.09
N ASN A 653 25.83 7.54 10.24
CA ASN A 653 26.90 7.43 11.23
C ASN A 653 26.64 6.24 12.16
N TYR A 654 26.00 5.21 11.62
CA TYR A 654 25.70 3.99 12.37
C TYR A 654 25.28 4.22 13.80
N GLU A 655 24.37 5.17 14.00
CA GLU A 655 23.91 5.48 15.36
C GLU A 655 22.49 5.03 15.62
N ILE A 656 21.99 4.09 14.82
CA ILE A 656 20.63 3.59 15.03
C ILE A 656 20.61 2.12 15.44
N PRO A 657 19.89 1.82 16.51
CA PRO A 657 19.76 0.47 17.06
C PRO A 657 19.28 -0.55 16.02
N PRO A 658 19.89 -1.74 16.00
CA PRO A 658 19.54 -2.81 15.05
C PRO A 658 18.06 -3.18 15.01
N GLU A 659 17.36 -3.02 16.13
CA GLU A 659 15.95 -3.35 16.18
C GLU A 659 15.11 -2.47 15.24
N LYS A 660 15.35 -1.16 15.27
CA LYS A 660 14.60 -0.28 14.40
C LYS A 660 15.02 -0.50 12.95
N LEU A 661 15.77 -1.58 12.71
CA LEU A 661 16.25 -1.89 11.37
C LEU A 661 15.74 -3.24 10.89
N ALA A 662 15.26 -4.03 11.84
CA ALA A 662 14.77 -5.35 11.52
C ALA A 662 13.43 -5.34 10.78
N ILE A 663 13.37 -6.13 9.72
CA ILE A 663 12.15 -6.25 8.94
C ILE A 663 11.73 -7.72 9.03
N TYR A 664 10.48 -7.97 9.42
CA TYR A 664 9.99 -9.33 9.56
C TYR A 664 9.07 -9.80 8.43
N GLU A 665 9.15 -11.09 8.15
CA GLU A 665 8.33 -11.71 7.12
C GLU A 665 8.25 -13.21 7.33
N GLN A 666 7.08 -13.77 7.05
CA GLN A 666 6.87 -15.20 7.22
C GLN A 666 7.15 -15.93 5.91
N ILE A 667 7.55 -17.19 6.03
CA ILE A 667 7.82 -18.01 4.85
C ILE A 667 6.49 -18.59 4.42
N THR A 668 6.07 -18.28 3.20
CA THR A 668 4.78 -18.72 2.69
C THR A 668 4.73 -20.19 2.29
N ARG A 669 5.88 -20.78 2.01
CA ARG A 669 5.92 -22.19 1.61
C ARG A 669 7.35 -22.71 1.63
N PRO A 670 7.57 -23.96 1.18
CA PRO A 670 8.95 -24.47 1.19
C PRO A 670 9.90 -23.48 0.51
N LEU A 671 11.13 -23.43 1.01
CA LEU A 671 12.12 -22.52 0.47
C LEU A 671 12.73 -23.01 -0.86
N HIS A 672 12.10 -24.02 -1.45
CA HIS A 672 12.54 -24.57 -2.73
C HIS A 672 11.53 -24.15 -3.79
N GLU A 673 10.42 -23.59 -3.34
CA GLU A 673 9.36 -23.13 -4.23
C GLU A 673 9.47 -21.64 -4.55
N TYR A 674 10.13 -20.89 -3.67
CA TYR A 674 10.28 -19.47 -3.87
C TYR A 674 11.04 -19.08 -5.14
N LYS A 675 10.38 -18.31 -6.00
CA LYS A 675 10.96 -17.84 -7.25
C LYS A 675 11.75 -16.57 -6.95
N ALA A 676 11.06 -15.57 -6.40
CA ALA A 676 11.69 -14.31 -6.02
C ALA A 676 12.30 -14.55 -4.64
N ILE A 677 13.62 -14.53 -4.56
CA ILE A 677 14.29 -14.78 -3.30
C ILE A 677 14.67 -13.53 -2.53
N GLY A 678 13.76 -13.05 -1.67
CA GLY A 678 14.03 -11.88 -0.88
C GLY A 678 15.10 -12.12 0.18
N PRO A 679 15.30 -11.16 1.11
CA PRO A 679 16.29 -11.28 2.18
C PRO A 679 15.99 -12.39 3.19
N HIS A 680 14.77 -12.41 3.72
CA HIS A 680 14.37 -13.43 4.69
C HIS A 680 14.42 -14.82 4.05
N VAL A 681 13.82 -14.93 2.87
CA VAL A 681 13.80 -16.19 2.13
C VAL A 681 15.23 -16.72 1.96
N ALA A 682 16.19 -15.80 1.94
CA ALA A 682 17.60 -16.16 1.79
C ALA A 682 18.23 -16.42 3.15
N VAL A 683 17.73 -15.75 4.19
CA VAL A 683 18.25 -15.95 5.55
C VAL A 683 17.62 -17.26 6.01
N ALA A 684 16.62 -17.70 5.25
CA ALA A 684 15.92 -18.93 5.53
C ALA A 684 16.84 -20.08 5.12
N LYS A 685 16.96 -20.28 3.82
CA LYS A 685 17.80 -21.35 3.29
C LYS A 685 19.25 -21.24 3.75
N LYS A 686 19.65 -20.06 4.21
CA LYS A 686 21.03 -19.88 4.68
C LYS A 686 21.18 -20.62 6.00
N LEU A 687 20.11 -20.57 6.80
CA LEU A 687 20.08 -21.25 8.10
C LEU A 687 19.63 -22.69 7.88
N ALA A 688 19.00 -22.94 6.73
CA ALA A 688 18.53 -24.28 6.37
C ALA A 688 19.73 -25.22 6.27
N ALA A 689 20.81 -24.71 5.68
CA ALA A 689 22.03 -25.50 5.55
C ALA A 689 22.48 -25.79 6.98
N LYS A 690 22.48 -24.75 7.81
CA LYS A 690 22.86 -24.90 9.21
C LYS A 690 21.86 -25.83 9.90
N GLY A 691 21.01 -26.47 9.10
CA GLY A 691 20.02 -27.40 9.61
C GLY A 691 19.12 -26.87 10.71
N VAL A 692 17.96 -26.34 10.35
CA VAL A 692 17.01 -25.81 11.33
C VAL A 692 15.58 -25.96 10.83
N LYS A 693 14.61 -25.51 11.65
CA LYS A 693 13.20 -25.58 11.34
C LYS A 693 12.88 -25.30 9.86
N ILE A 694 12.69 -24.04 9.52
CA ILE A 694 12.36 -23.62 8.15
C ILE A 694 10.99 -24.19 7.74
N LYS A 695 10.04 -24.11 8.65
CA LYS A 695 8.69 -24.60 8.40
C LYS A 695 7.75 -23.49 7.93
N PRO A 696 7.20 -23.64 6.71
CA PRO A 696 6.28 -22.68 6.09
C PRO A 696 5.20 -22.20 7.04
N GLY A 697 5.55 -21.22 7.88
CA GLY A 697 4.60 -20.68 8.82
C GLY A 697 5.30 -19.80 9.84
N MSE A 698 6.62 -19.71 9.72
CA MSE A 698 7.41 -18.92 10.64
C MSE A 698 7.96 -17.65 9.99
O MSE A 698 8.19 -17.61 8.78
CB MSE A 698 8.58 -19.73 11.16
CG MSE A 698 9.67 -19.95 10.14
SE MSE A 698 11.27 -20.50 11.03
CE MSE A 698 11.34 -19.14 12.41
N VAL A 699 8.15 -16.61 10.80
CA VAL A 699 8.67 -15.33 10.32
C VAL A 699 10.17 -15.21 10.53
N ILE A 700 10.86 -14.71 9.52
CA ILE A 700 12.30 -14.54 9.60
C ILE A 700 12.65 -13.06 9.64
N GLY A 701 13.23 -12.64 10.75
CA GLY A 701 13.63 -11.25 10.88
C GLY A 701 14.97 -11.06 10.19
N TYR A 702 15.16 -9.93 9.52
CA TYR A 702 16.43 -9.69 8.86
C TYR A 702 16.91 -8.25 8.95
N ILE A 703 18.17 -8.05 8.56
CA ILE A 703 18.84 -6.75 8.57
C ILE A 703 19.77 -6.81 7.38
N VAL A 704 19.66 -5.85 6.46
CA VAL A 704 20.56 -5.87 5.31
C VAL A 704 21.92 -5.36 5.78
N LEU A 705 22.99 -5.85 5.17
CA LEU A 705 24.32 -5.41 5.56
C LEU A 705 25.08 -4.72 4.44
N ARG A 706 26.13 -4.00 4.82
CA ARG A 706 26.96 -3.25 3.89
C ARG A 706 27.74 -4.15 2.93
N GLY A 707 27.03 -5.07 2.28
CA GLY A 707 27.69 -5.97 1.35
C GLY A 707 27.92 -5.35 -0.01
N ASP A 708 28.08 -6.19 -1.03
CA ASP A 708 28.33 -5.70 -2.38
C ASP A 708 27.27 -6.19 -3.37
N GLY A 709 26.79 -7.41 -3.17
CA GLY A 709 25.77 -7.97 -4.04
C GLY A 709 24.40 -7.45 -3.64
N PRO A 710 23.32 -7.94 -4.28
CA PRO A 710 21.96 -7.50 -3.96
C PRO A 710 21.60 -7.68 -2.48
N ILE A 711 20.55 -6.99 -2.04
CA ILE A 711 20.10 -7.07 -0.67
C ILE A 711 20.06 -8.52 -0.19
N SER A 712 19.26 -9.32 -0.90
CA SER A 712 19.07 -10.74 -0.58
C SER A 712 20.28 -11.45 0.06
N ASN A 713 21.32 -11.69 -0.73
CA ASN A 713 22.50 -12.38 -0.26
C ASN A 713 23.27 -11.68 0.87
N ARG A 714 22.76 -10.55 1.37
CA ARG A 714 23.47 -9.82 2.42
C ARG A 714 22.73 -9.58 3.73
N ALA A 715 21.58 -10.23 3.91
CA ALA A 715 20.79 -10.05 5.12
C ALA A 715 21.12 -11.08 6.19
N ILE A 716 21.29 -10.62 7.43
CA ILE A 716 21.60 -11.49 8.55
C ILE A 716 20.37 -11.56 9.44
N LEU A 717 20.15 -12.71 10.09
CA LEU A 717 19.00 -12.83 10.96
C LEU A 717 19.01 -11.66 11.92
N ALA A 718 17.83 -11.18 12.29
CA ALA A 718 17.70 -10.05 13.18
C ALA A 718 18.42 -10.27 14.51
N GLU A 719 19.17 -11.36 14.61
CA GLU A 719 19.90 -11.68 15.83
C GLU A 719 21.35 -12.02 15.57
N GLU A 720 21.61 -12.59 14.40
CA GLU A 720 22.96 -12.93 14.01
C GLU A 720 23.65 -11.62 13.64
N TYR A 721 23.07 -10.50 14.09
CA TYR A 721 23.62 -9.17 13.86
C TYR A 721 24.17 -8.63 15.17
N ASP A 722 25.46 -8.32 15.16
CA ASP A 722 26.14 -7.80 16.33
C ASP A 722 27.09 -6.68 15.93
N PRO A 723 26.99 -5.51 16.59
CA PRO A 723 27.86 -4.39 16.25
C PRO A 723 29.32 -4.80 16.45
N LYS A 724 30.25 -3.92 16.15
CA LYS A 724 31.68 -4.24 16.30
C LYS A 724 31.98 -5.56 15.61
N LYS A 725 31.08 -5.95 14.71
CA LYS A 725 31.22 -7.19 13.96
C LYS A 725 30.35 -7.12 12.72
N HIS A 726 29.41 -6.19 12.73
CA HIS A 726 28.49 -6.02 11.60
C HIS A 726 28.26 -4.56 11.24
N LYS A 727 28.20 -4.27 9.93
CA LYS A 727 27.95 -2.92 9.46
C LYS A 727 26.74 -2.96 8.53
N TYR A 728 25.59 -2.53 9.03
CA TYR A 728 24.37 -2.54 8.25
C TYR A 728 24.41 -1.54 7.11
N ASP A 729 23.69 -1.86 6.03
CA ASP A 729 23.64 -1.02 4.84
C ASP A 729 22.80 0.24 5.10
N ALA A 730 23.42 1.28 5.65
CA ALA A 730 22.70 2.53 5.93
C ALA A 730 22.06 3.10 4.67
N GLU A 731 22.68 2.90 3.52
CA GLU A 731 22.14 3.41 2.27
C GLU A 731 20.76 2.82 2.04
N TYR A 732 20.68 1.50 2.21
CA TYR A 732 19.42 0.78 2.04
C TYR A 732 18.32 1.38 2.92
N TYR A 733 18.57 1.41 4.23
CA TYR A 733 17.62 1.96 5.18
C TYR A 733 17.28 3.45 4.94
N ILE A 734 18.14 4.14 4.21
CA ILE A 734 17.93 5.53 3.90
C ILE A 734 17.15 5.63 2.59
N GLU A 735 17.65 4.98 1.55
CA GLU A 735 17.03 5.04 0.23
C GLU A 735 15.78 4.19 -0.01
N ASN A 736 15.70 3.04 0.62
CA ASN A 736 14.55 2.16 0.42
C ASN A 736 13.69 2.05 1.64
N GLN A 737 13.98 2.82 2.66
CA GLN A 737 13.21 2.68 3.86
C GLN A 737 12.64 3.98 4.42
N VAL A 738 13.52 4.90 4.79
CA VAL A 738 13.09 6.16 5.38
C VAL A 738 12.61 7.17 4.35
N LEU A 739 13.36 7.35 3.28
CA LEU A 739 12.98 8.33 2.26
C LEU A 739 11.61 8.09 1.64
N PRO A 740 11.33 6.85 1.21
CA PRO A 740 10.02 6.58 0.59
C PRO A 740 8.90 6.85 1.57
N ALA A 741 9.07 6.41 2.81
CA ALA A 741 8.04 6.62 3.81
C ALA A 741 7.75 8.11 4.01
N VAL A 742 8.80 8.91 4.06
CA VAL A 742 8.67 10.35 4.29
C VAL A 742 8.36 11.23 3.08
N LEU A 743 8.70 10.79 1.88
CA LEU A 743 8.44 11.59 0.68
C LEU A 743 6.97 11.59 0.24
N ARG A 744 6.18 10.66 0.74
CA ARG A 744 4.76 10.63 0.38
C ARG A 744 4.16 11.90 0.96
N ILE A 745 4.79 12.40 2.02
CA ILE A 745 4.32 13.59 2.74
C ILE A 745 5.01 14.89 2.39
N LEU A 746 6.31 14.84 2.16
CA LEU A 746 7.06 16.06 1.90
C LEU A 746 7.18 16.49 0.43
N GLU A 747 7.03 15.53 -0.47
CA GLU A 747 7.13 15.78 -1.90
C GLU A 747 6.25 16.94 -2.33
N GLY A 748 5.02 16.93 -1.82
CA GLY A 748 4.05 17.97 -2.16
C GLY A 748 4.41 19.37 -1.78
N PHE A 749 5.23 19.50 -0.75
CA PHE A 749 5.64 20.82 -0.30
C PHE A 749 6.83 21.32 -1.12
N GLY A 750 7.32 20.46 -2.00
CA GLY A 750 8.42 20.81 -2.87
C GLY A 750 9.73 20.11 -2.57
N TYR A 751 9.78 19.33 -1.50
CA TYR A 751 10.99 18.64 -1.13
C TYR A 751 11.39 17.47 -2.04
N ARG A 752 12.68 17.15 -2.04
CA ARG A 752 13.24 16.07 -2.86
C ARG A 752 14.34 15.31 -2.09
N LYS A 753 14.65 14.11 -2.55
CA LYS A 753 15.65 13.27 -1.91
C LYS A 753 16.97 14.02 -1.69
N GLU A 754 17.40 14.76 -2.70
CA GLU A 754 18.65 15.54 -2.64
C GLU A 754 18.67 16.40 -1.38
N ASP A 755 17.51 16.96 -1.06
CA ASP A 755 17.33 17.84 0.09
C ASP A 755 17.40 17.14 1.44
N LEU A 756 17.24 15.82 1.46
CA LEU A 756 17.24 15.08 2.71
C LEU A 756 18.45 14.16 2.92
N ARG A 757 19.12 13.78 1.85
CA ARG A 757 20.28 12.91 1.97
C ARG A 757 21.34 13.63 2.79
N TYR A 758 22.29 12.86 3.32
CA TYR A 758 23.36 13.40 4.14
C TYR A 758 24.75 13.15 3.54
N GLN A 759 25.67 14.04 3.90
CA GLN A 759 27.09 13.98 3.51
C GLN A 759 27.86 15.01 4.31
N LYS A 760 28.85 14.52 5.06
CA LYS A 760 29.70 15.34 5.90
C LYS A 760 30.32 16.54 5.19
N THR A 761 30.86 16.34 3.98
CA THR A 761 31.45 17.44 3.24
C THR A 761 30.79 17.63 1.91
N ARG A 762 30.79 18.87 1.43
CA ARG A 762 30.17 19.20 0.15
C ARG A 762 31.18 20.00 -0.68
N GLN A 763 31.35 19.63 -1.96
CA GLN A 763 32.30 20.34 -2.81
C GLN A 763 31.81 21.75 -3.14
N VAL A 764 32.71 22.71 -2.96
CA VAL A 764 32.38 24.10 -3.19
C VAL A 764 33.22 24.61 -4.34
N GLY A 765 32.77 25.71 -4.94
CA GLY A 765 33.50 26.30 -6.04
C GLY A 765 34.66 27.14 -5.54
N LEU A 766 35.69 27.27 -6.37
CA LEU A 766 36.90 28.03 -6.01
C LEU A 766 36.71 29.54 -6.19
N THR A 767 35.93 29.87 -7.23
CA THR A 767 35.66 31.23 -7.64
C THR A 767 35.49 32.36 -6.64
N SER A 768 35.08 32.06 -5.42
CA SER A 768 34.93 33.12 -4.42
C SER A 768 36.25 33.45 -3.72
N TRP A 769 37.29 32.67 -3.98
CA TRP A 769 38.59 32.95 -3.38
C TRP A 769 39.46 33.59 -4.43
N LEU A 770 38.84 33.84 -5.58
CA LEU A 770 39.48 34.50 -6.71
C LEU A 770 38.97 35.94 -6.72
N ASN A 771 39.81 36.89 -7.14
CA ASN A 771 39.40 38.29 -7.15
C ASN A 771 38.86 38.82 -8.45
N ILE A 772 39.55 38.54 -9.55
CA ILE A 772 39.08 39.01 -10.86
C ILE A 772 37.99 38.05 -11.36
N LYS A 773 37.33 37.40 -10.40
CA LYS A 773 36.24 36.46 -10.64
C LYS A 773 35.27 36.49 -9.44
N PRO B 1 55.53 36.05 -33.57
CA PRO B 1 56.24 34.77 -33.86
C PRO B 1 57.39 34.58 -32.87
N PHE B 2 57.72 33.33 -32.58
CA PHE B 2 58.79 33.03 -31.64
C PHE B 2 59.55 31.75 -31.96
N GLU B 3 60.58 31.51 -31.16
CA GLU B 3 61.44 30.34 -31.27
C GLU B 3 61.93 30.02 -29.86
N ILE B 4 61.35 28.99 -29.26
CA ILE B 4 61.73 28.63 -27.90
C ILE B 4 62.36 27.23 -27.90
N VAL B 5 63.43 27.07 -27.11
CA VAL B 5 64.10 25.79 -27.02
C VAL B 5 64.28 25.30 -25.58
N PHE B 6 63.75 24.11 -25.30
CA PHE B 6 63.86 23.52 -23.97
C PHE B 6 64.66 22.24 -24.03
N GLU B 7 65.62 22.11 -23.11
CA GLU B 7 66.48 20.95 -23.05
C GLU B 7 65.87 19.87 -22.14
N GLY B 8 65.60 18.71 -22.72
CA GLY B 8 65.00 17.60 -21.98
C GLY B 8 63.52 17.54 -22.30
N ALA B 9 63.17 17.03 -23.47
CA ALA B 9 61.78 16.94 -23.92
C ALA B 9 60.84 16.05 -23.11
N LYS B 10 61.40 15.13 -22.32
CA LYS B 10 60.60 14.20 -21.53
C LYS B 10 60.03 14.92 -20.30
N GLU B 11 60.90 15.63 -19.60
CA GLU B 11 60.48 16.34 -18.42
C GLU B 11 59.41 17.37 -18.78
N PHE B 12 59.57 17.99 -19.94
CA PHE B 12 58.61 18.99 -20.40
C PHE B 12 57.30 18.32 -20.75
N ALA B 13 57.41 17.16 -21.38
CA ALA B 13 56.26 16.37 -21.76
C ALA B 13 55.43 16.11 -20.51
N GLN B 14 56.05 15.48 -19.51
CA GLN B 14 55.41 15.15 -18.25
C GLN B 14 54.72 16.35 -17.63
N LEU B 15 55.37 17.50 -17.68
CA LEU B 15 54.80 18.73 -17.13
C LEU B 15 53.43 18.95 -17.75
N ILE B 16 53.38 19.13 -19.07
CA ILE B 16 52.12 19.34 -19.78
C ILE B 16 51.10 18.26 -19.48
N ASP B 17 51.56 17.00 -19.46
CA ASP B 17 50.66 15.89 -19.18
C ASP B 17 49.99 16.15 -17.83
N THR B 18 50.78 16.48 -16.81
CA THR B 18 50.28 16.77 -15.47
C THR B 18 49.19 17.84 -15.51
N ALA B 19 49.60 19.06 -15.83
CA ALA B 19 48.66 20.17 -15.93
C ALA B 19 47.75 20.06 -17.15
N SER B 20 47.16 18.89 -17.36
CA SER B 20 46.28 18.68 -18.50
C SER B 20 45.20 17.64 -18.25
N LYS B 21 45.31 16.94 -17.12
CA LYS B 21 44.33 15.91 -16.77
C LYS B 21 42.97 16.54 -16.45
N LEU B 22 42.95 17.84 -16.17
CA LEU B 22 41.71 18.52 -15.84
C LEU B 22 41.17 19.41 -16.96
N ILE B 23 42.00 19.70 -17.95
CA ILE B 23 41.58 20.55 -19.06
C ILE B 23 41.80 19.93 -20.44
N ASP B 24 41.07 20.47 -21.42
CA ASP B 24 41.13 20.01 -22.81
C ASP B 24 41.80 21.06 -23.70
N GLU B 25 41.68 22.33 -23.32
CA GLU B 25 42.27 23.38 -24.13
C GLU B 25 42.94 24.41 -23.24
N ALA B 26 43.92 25.11 -23.81
CA ALA B 26 44.60 26.12 -23.06
C ALA B 26 45.19 27.15 -24.00
N ALA B 27 45.37 28.35 -23.49
CA ALA B 27 45.96 29.43 -24.25
C ALA B 27 47.29 29.65 -23.56
N PHE B 28 48.36 29.74 -24.33
CA PHE B 28 49.66 29.96 -23.72
C PHE B 28 50.07 31.38 -24.05
N LYS B 29 50.47 32.12 -23.03
CA LYS B 29 50.88 33.50 -23.23
C LYS B 29 52.39 33.55 -23.36
N VAL B 30 52.85 33.78 -24.59
CA VAL B 30 54.28 33.86 -24.86
C VAL B 30 54.71 35.31 -24.96
N THR B 31 55.52 35.75 -24.01
CA THR B 31 56.00 37.12 -23.98
C THR B 31 57.51 37.06 -23.90
N GLU B 32 58.14 38.23 -23.92
CA GLU B 32 59.59 38.30 -23.84
C GLU B 32 60.08 37.71 -22.51
N ASP B 33 59.25 37.82 -21.48
CA ASP B 33 59.57 37.33 -20.14
C ASP B 33 59.47 35.81 -19.96
N GLY B 34 58.63 35.17 -20.77
CA GLY B 34 58.48 33.73 -20.65
C GLY B 34 57.14 33.22 -21.14
N ILE B 35 56.80 32.01 -20.74
CA ILE B 35 55.54 31.39 -21.12
C ILE B 35 54.65 31.19 -19.90
N SER B 36 53.40 31.58 -20.04
CA SER B 36 52.48 31.44 -18.94
C SER B 36 51.16 30.95 -19.48
N MSE B 37 50.51 30.11 -18.68
CA MSE B 37 49.23 29.56 -19.05
C MSE B 37 48.42 29.51 -17.77
O MSE B 37 48.91 29.08 -16.72
CB MSE B 37 49.43 28.17 -19.64
CG MSE B 37 48.14 27.48 -20.04
SE MSE B 37 47.55 26.23 -18.71
CE MSE B 37 48.51 24.66 -19.32
N ARG B 38 47.17 29.98 -17.85
CA ARG B 38 46.27 30.01 -16.70
C ARG B 38 44.89 29.55 -17.15
N ALA B 39 44.30 28.62 -16.41
CA ALA B 39 42.98 28.12 -16.77
C ALA B 39 42.31 27.45 -15.57
N MSE B 40 41.01 27.22 -15.72
CA MSE B 40 40.24 26.56 -14.67
C MSE B 40 39.61 25.30 -15.19
O MSE B 40 39.31 25.21 -16.38
CB MSE B 40 39.15 27.48 -14.16
CG MSE B 40 39.67 28.60 -13.32
SE MSE B 40 38.25 29.27 -12.27
CE MSE B 40 38.32 28.01 -10.80
N ASP B 41 39.41 24.33 -14.31
CA ASP B 41 38.80 23.11 -14.78
C ASP B 41 37.36 23.44 -15.13
N PRO B 42 36.69 22.56 -15.89
CA PRO B 42 35.30 22.79 -16.29
C PRO B 42 34.37 23.08 -15.11
N SER B 43 34.64 22.49 -13.95
CA SER B 43 33.79 22.69 -12.79
C SER B 43 34.09 23.96 -12.00
N ARG B 44 35.20 24.60 -12.32
CA ARG B 44 35.61 25.80 -11.62
C ARG B 44 35.86 25.45 -10.14
N VAL B 45 36.68 24.43 -9.94
CA VAL B 45 37.03 23.97 -8.60
C VAL B 45 38.55 24.06 -8.43
N VAL B 46 39.24 23.91 -9.56
CA VAL B 46 40.69 23.94 -9.60
C VAL B 46 41.19 25.00 -10.56
N LEU B 47 42.20 25.73 -10.12
CA LEU B 47 42.81 26.74 -10.96
C LEU B 47 44.20 26.18 -11.26
N ILE B 48 44.57 26.19 -12.53
CA ILE B 48 45.88 25.69 -12.95
C ILE B 48 46.69 26.88 -13.45
N ASP B 49 47.89 27.03 -12.93
CA ASP B 49 48.75 28.11 -13.36
C ASP B 49 50.12 27.54 -13.69
N LEU B 50 50.64 27.95 -14.84
CA LEU B 50 51.96 27.49 -15.27
C LEU B 50 52.77 28.71 -15.66
N ASN B 51 53.92 28.85 -15.01
CA ASN B 51 54.79 29.99 -15.32
C ASN B 51 56.17 29.45 -15.66
N LEU B 52 56.63 29.76 -16.86
CA LEU B 52 57.92 29.28 -17.31
C LEU B 52 58.78 30.43 -17.80
N PRO B 53 59.59 31.00 -16.90
CA PRO B 53 60.45 32.11 -17.32
C PRO B 53 61.44 31.73 -18.41
N SER B 54 61.82 32.73 -19.21
CA SER B 54 62.76 32.55 -20.30
C SER B 54 64.04 31.89 -19.80
N SER B 55 64.33 32.17 -18.55
CA SER B 55 65.52 31.65 -17.87
C SER B 55 65.74 30.16 -17.97
N ILE B 56 64.65 29.40 -18.08
CA ILE B 56 64.79 27.95 -18.12
C ILE B 56 64.92 27.35 -19.52
N PHE B 57 64.94 28.19 -20.54
CA PHE B 57 65.08 27.67 -21.90
C PHE B 57 66.47 28.00 -22.42
N SER B 58 67.08 27.09 -23.16
CA SER B 58 68.41 27.31 -23.69
C SER B 58 68.42 28.39 -24.76
N LYS B 59 67.28 28.58 -25.41
CA LYS B 59 67.13 29.60 -26.44
C LYS B 59 65.77 30.24 -26.29
N TYR B 60 65.73 31.57 -26.18
CA TYR B 60 64.48 32.26 -26.01
C TYR B 60 64.38 33.51 -26.87
N GLU B 61 63.80 33.37 -28.05
CA GLU B 61 63.64 34.50 -28.96
C GLU B 61 62.15 34.80 -29.20
N VAL B 62 61.65 35.89 -28.63
CA VAL B 62 60.25 36.26 -28.82
C VAL B 62 60.13 37.62 -29.51
N VAL B 63 59.93 37.58 -30.82
CA VAL B 63 59.79 38.80 -31.60
C VAL B 63 58.55 39.56 -31.14
N GLU B 64 57.39 39.08 -31.55
CA GLU B 64 56.12 39.69 -31.20
C GLU B 64 55.37 38.80 -30.22
N PRO B 65 54.94 39.37 -29.09
CA PRO B 65 54.21 38.63 -28.08
C PRO B 65 53.05 37.88 -28.73
N GLU B 66 52.67 36.75 -28.16
CA GLU B 66 51.60 35.97 -28.73
C GLU B 66 50.94 35.04 -27.74
N THR B 67 49.72 34.66 -28.05
CA THR B 67 48.97 33.74 -27.24
C THR B 67 48.46 32.70 -28.23
N ILE B 68 48.83 31.45 -28.03
CA ILE B 68 48.41 30.41 -28.94
C ILE B 68 47.59 29.32 -28.24
N GLY B 69 46.32 29.23 -28.62
CA GLY B 69 45.45 28.24 -28.02
C GLY B 69 45.64 26.89 -28.68
N VAL B 70 45.93 25.88 -27.88
CA VAL B 70 46.12 24.57 -28.46
C VAL B 70 45.29 23.51 -27.74
N ASN B 71 45.02 22.44 -28.46
CA ASN B 71 44.28 21.33 -27.91
C ASN B 71 45.29 20.52 -27.12
N LEU B 72 45.13 20.48 -25.80
CA LEU B 72 46.09 19.76 -24.99
C LEU B 72 46.27 18.29 -25.31
N ASP B 73 45.21 17.55 -25.53
CA ASP B 73 45.39 16.13 -25.85
C ASP B 73 46.25 15.92 -27.10
N HIS B 74 46.00 16.73 -28.12
CA HIS B 74 46.77 16.66 -29.36
C HIS B 74 48.24 16.90 -29.01
N LEU B 75 48.50 18.01 -28.35
CA LEU B 75 49.83 18.37 -27.94
C LEU B 75 50.49 17.24 -27.15
N LYS B 76 49.76 16.66 -26.20
CA LYS B 76 50.32 15.59 -25.40
C LYS B 76 50.83 14.44 -26.26
N LYS B 77 50.06 14.04 -27.27
CA LYS B 77 50.47 12.95 -28.14
C LYS B 77 51.89 13.17 -28.67
N ILE B 78 52.10 14.34 -29.28
CA ILE B 78 53.40 14.69 -29.82
C ILE B 78 54.50 14.63 -28.77
N LEU B 79 54.37 15.41 -27.71
CA LEU B 79 55.39 15.43 -26.66
C LEU B 79 55.64 14.06 -26.01
N LYS B 80 54.68 13.14 -26.14
CA LYS B 80 54.83 11.79 -25.56
C LYS B 80 55.99 11.06 -26.22
N ARG B 81 56.39 11.54 -27.39
CA ARG B 81 57.46 10.94 -28.16
C ARG B 81 58.85 11.40 -27.77
N GLY B 82 58.92 12.49 -27.01
CA GLY B 82 60.22 12.99 -26.59
C GLY B 82 60.95 12.13 -25.57
N LYS B 83 62.25 12.02 -25.74
CA LYS B 83 63.09 11.25 -24.84
C LYS B 83 63.74 12.18 -23.81
N ALA B 84 64.36 11.57 -22.80
CA ALA B 84 65.02 12.33 -21.73
C ALA B 84 66.05 13.35 -22.23
N LYS B 85 66.94 12.92 -23.11
CA LYS B 85 67.96 13.82 -23.63
C LYS B 85 67.65 14.38 -25.01
N ASP B 86 66.36 14.58 -25.27
CA ASP B 86 65.93 15.18 -26.53
C ASP B 86 65.74 16.65 -26.26
N THR B 87 66.02 17.46 -27.26
CA THR B 87 65.87 18.89 -27.14
C THR B 87 64.54 19.21 -27.80
N LEU B 88 63.79 20.12 -27.17
CA LEU B 88 62.49 20.54 -27.66
C LEU B 88 62.52 21.94 -28.27
N ILE B 89 62.06 22.05 -29.51
CA ILE B 89 62.03 23.35 -30.19
C ILE B 89 60.59 23.72 -30.49
N LEU B 90 60.23 24.96 -30.16
CA LEU B 90 58.90 25.47 -30.43
C LEU B 90 59.07 26.67 -31.36
N LYS B 91 58.54 26.53 -32.58
CA LYS B 91 58.61 27.60 -33.57
C LYS B 91 57.22 28.06 -34.01
N LYS B 92 57.03 29.38 -33.96
CA LYS B 92 55.79 30.02 -34.37
C LYS B 92 56.17 31.08 -35.40
N GLY B 93 55.41 31.14 -36.49
CA GLY B 93 55.69 32.12 -37.52
C GLY B 93 54.47 33.00 -37.78
N GLU B 94 54.25 33.31 -39.05
CA GLU B 94 53.12 34.14 -39.43
C GLU B 94 51.86 33.27 -39.56
N GLU B 95 52.04 32.04 -40.03
CA GLU B 95 50.92 31.12 -40.18
C GLU B 95 50.23 30.83 -38.86
N ASN B 96 49.01 30.32 -38.92
CA ASN B 96 48.26 30.01 -37.72
C ASN B 96 48.49 28.57 -37.26
N PHE B 97 49.72 28.27 -36.87
CA PHE B 97 50.06 26.94 -36.39
C PHE B 97 51.41 26.93 -35.68
N LEU B 98 51.58 25.98 -34.78
CA LEU B 98 52.80 25.85 -34.01
C LEU B 98 53.70 24.70 -34.46
N GLU B 99 54.97 25.01 -34.71
CA GLU B 99 55.92 23.98 -35.11
C GLU B 99 56.66 23.43 -33.91
N ILE B 100 56.65 22.11 -33.76
CA ILE B 100 57.35 21.48 -32.65
C ILE B 100 58.38 20.49 -33.16
N THR B 101 59.59 20.58 -32.65
CA THR B 101 60.64 19.66 -33.08
C THR B 101 61.28 18.94 -31.91
N ILE B 102 61.20 17.61 -31.93
CA ILE B 102 61.84 16.83 -30.89
C ILE B 102 63.16 16.47 -31.57
N GLN B 103 64.24 17.15 -31.15
CA GLN B 103 65.55 16.95 -31.76
C GLN B 103 66.48 16.02 -31.00
N GLY B 104 67.07 15.09 -31.73
CA GLY B 104 67.99 14.12 -31.16
C GLY B 104 68.34 13.02 -32.13
N THR B 105 68.30 11.78 -31.67
CA THR B 105 68.62 10.63 -32.52
C THR B 105 67.60 10.39 -33.62
N ALA B 106 66.34 10.76 -33.34
CA ALA B 106 65.26 10.57 -34.30
C ALA B 106 64.56 11.86 -34.64
N THR B 107 65.26 12.98 -34.50
CA THR B 107 64.71 14.29 -34.83
C THR B 107 63.51 14.28 -35.78
N ARG B 108 62.42 14.90 -35.34
CA ARG B 108 61.20 14.96 -36.14
C ARG B 108 60.42 16.23 -35.80
N THR B 109 59.72 16.78 -36.80
CA THR B 109 58.95 18.01 -36.63
C THR B 109 57.45 17.83 -36.87
N PHE B 110 56.66 18.19 -35.86
CA PHE B 110 55.22 18.06 -35.90
C PHE B 110 54.55 19.42 -36.07
N ARG B 111 53.39 19.39 -36.72
CA ARG B 111 52.64 20.61 -36.96
C ARG B 111 51.38 20.57 -36.12
N VAL B 112 51.22 21.57 -35.26
CA VAL B 112 50.06 21.66 -34.39
C VAL B 112 49.22 22.87 -34.73
N PRO B 113 47.92 22.66 -34.96
CA PRO B 113 46.98 23.74 -35.28
C PRO B 113 46.60 24.57 -34.07
N LEU B 114 46.48 25.87 -34.28
CA LEU B 114 46.10 26.77 -33.20
C LEU B 114 44.61 27.08 -33.27
N ILE B 115 43.93 26.81 -32.18
CA ILE B 115 42.50 27.07 -32.09
C ILE B 115 42.28 28.25 -31.15
N ASP B 116 41.05 28.74 -31.11
CA ASP B 116 40.68 29.86 -30.23
C ASP B 116 40.22 29.24 -28.94
N VAL B 117 40.65 29.83 -27.84
CA VAL B 117 40.25 29.33 -26.54
C VAL B 117 39.73 30.48 -25.70
N GLU B 118 38.57 30.26 -25.09
CA GLU B 118 37.95 31.27 -24.25
C GLU B 118 38.95 31.59 -23.15
N GLU B 119 39.61 32.73 -23.25
CA GLU B 119 40.59 33.15 -22.26
C GLU B 119 39.92 33.92 -21.12
N MSE B 120 39.57 33.20 -20.06
CA MSE B 120 38.94 33.77 -18.88
C MSE B 120 40.00 34.46 -18.01
O MSE B 120 40.79 33.80 -17.34
CB MSE B 120 38.26 32.65 -18.08
CG MSE B 120 37.71 33.07 -16.72
SE MSE B 120 37.41 31.54 -15.56
CE MSE B 120 35.58 31.12 -16.06
N GLU B 121 40.01 35.79 -18.02
CA GLU B 121 40.97 36.54 -17.23
C GLU B 121 40.69 36.38 -15.75
N VAL B 122 41.64 35.76 -15.04
CA VAL B 122 41.55 35.50 -13.59
C VAL B 122 42.95 35.53 -13.01
N ASP B 123 43.14 36.22 -11.89
CA ASP B 123 44.47 36.25 -11.31
C ASP B 123 44.69 35.19 -10.26
N LEU B 124 45.96 34.98 -9.90
CA LEU B 124 46.34 33.97 -8.90
C LEU B 124 46.32 34.63 -7.53
N PRO B 125 45.45 34.16 -6.63
CA PRO B 125 45.26 34.65 -5.26
C PRO B 125 46.39 34.47 -4.26
N GLU B 126 46.50 35.44 -3.36
CA GLU B 126 47.51 35.42 -2.32
C GLU B 126 46.75 35.07 -1.02
N LEU B 127 46.42 33.79 -0.85
CA LEU B 127 45.68 33.33 0.32
C LEU B 127 46.49 33.25 1.61
N PRO B 128 45.88 33.60 2.75
CA PRO B 128 46.56 33.56 4.04
C PRO B 128 46.64 32.15 4.66
N PHE B 129 47.24 31.22 3.94
CA PHE B 129 47.37 29.86 4.43
C PHE B 129 48.03 29.87 5.80
N THR B 130 47.78 28.83 6.60
CA THR B 130 48.36 28.75 7.94
C THR B 130 49.27 27.54 8.08
N ALA B 131 49.31 26.70 7.04
CA ALA B 131 50.14 25.50 7.06
C ALA B 131 50.78 25.21 5.72
N LYS B 132 52.10 24.96 5.74
CA LYS B 132 52.89 24.66 4.55
C LYS B 132 53.63 23.34 4.73
N VAL B 133 53.53 22.48 3.73
CA VAL B 133 54.18 21.19 3.78
C VAL B 133 54.88 20.89 2.46
N VAL B 134 56.02 20.20 2.56
CA VAL B 134 56.77 19.82 1.38
C VAL B 134 56.83 18.29 1.41
N VAL B 135 56.22 17.64 0.42
CA VAL B 135 56.20 16.18 0.38
C VAL B 135 56.76 15.57 -0.90
N LEU B 136 56.85 14.25 -0.91
CA LEU B 136 57.34 13.51 -2.06
C LEU B 136 56.16 13.01 -2.86
N GLY B 137 56.27 13.05 -4.19
CA GLY B 137 55.18 12.59 -5.02
C GLY B 137 54.65 11.22 -4.63
N GLU B 138 55.57 10.33 -4.27
CA GLU B 138 55.22 8.97 -3.86
C GLU B 138 54.16 8.91 -2.77
N VAL B 139 54.50 9.38 -1.57
CA VAL B 139 53.55 9.35 -0.45
C VAL B 139 52.21 9.98 -0.83
N LEU B 140 52.27 11.14 -1.46
CA LEU B 140 51.08 11.88 -1.86
C LEU B 140 50.23 11.11 -2.89
N LYS B 141 50.88 10.49 -3.87
CA LYS B 141 50.15 9.72 -4.89
C LYS B 141 49.51 8.50 -4.24
N ALA B 142 50.21 7.93 -3.27
CA ALA B 142 49.76 6.76 -2.55
C ALA B 142 48.49 7.10 -1.77
N ALA B 143 48.60 8.02 -0.82
CA ALA B 143 47.46 8.43 -0.01
C ALA B 143 46.22 8.80 -0.84
N VAL B 144 46.42 9.50 -1.96
CA VAL B 144 45.29 9.88 -2.80
C VAL B 144 44.62 8.68 -3.48
N LYS B 145 45.41 7.70 -3.91
CA LYS B 145 44.83 6.50 -4.53
C LYS B 145 44.20 5.66 -3.41
N ALA B 146 44.92 5.54 -2.30
CA ALA B 146 44.45 4.78 -1.15
C ALA B 146 43.10 5.30 -0.72
N ALA B 147 43.00 6.62 -0.56
CA ALA B 147 41.75 7.23 -0.13
C ALA B 147 40.61 7.07 -1.13
N SER B 148 40.92 7.02 -2.42
CA SER B 148 39.89 6.89 -3.45
C SER B 148 39.14 5.55 -3.44
N LEU B 149 39.62 4.60 -2.64
CA LEU B 149 38.98 3.30 -2.56
C LEU B 149 37.94 3.25 -1.46
N VAL B 150 37.99 4.22 -0.54
CA VAL B 150 37.07 4.25 0.58
C VAL B 150 36.14 5.47 0.66
N SER B 151 36.68 6.66 0.44
CA SER B 151 35.87 7.88 0.48
C SER B 151 36.00 8.69 -0.80
N ASP B 152 35.14 9.69 -0.94
CA ASP B 152 35.20 10.55 -2.11
C ASP B 152 35.86 11.86 -1.71
N SER B 153 36.23 11.95 -0.44
CA SER B 153 36.90 13.13 0.06
C SER B 153 38.00 12.71 1.02
N ILE B 154 39.12 13.41 0.97
CA ILE B 154 40.25 13.13 1.86
C ILE B 154 40.43 14.37 2.71
N LYS B 155 40.80 14.18 3.97
CA LYS B 155 40.97 15.30 4.87
C LYS B 155 42.41 15.58 5.23
N PHE B 156 42.80 16.85 5.14
CA PHE B 156 44.15 17.28 5.46
C PHE B 156 44.14 17.89 6.84
N ILE B 157 45.13 17.52 7.64
CA ILE B 157 45.27 18.02 9.00
C ILE B 157 46.75 18.29 9.24
N ALA B 158 47.08 19.48 9.72
CA ALA B 158 48.47 19.83 9.99
C ALA B 158 48.63 20.68 11.25
N ARG B 159 49.52 20.22 12.11
CA ARG B 159 49.87 20.90 13.36
C ARG B 159 51.38 20.98 13.34
N GLU B 160 51.99 21.70 14.28
CA GLU B 160 53.44 21.81 14.25
C GLU B 160 54.12 20.44 14.24
N ASN B 161 55.06 20.26 13.32
CA ASN B 161 55.78 18.99 13.20
C ASN B 161 54.83 17.81 13.16
N GLU B 162 53.92 17.82 12.19
CA GLU B 162 52.93 16.75 12.03
C GLU B 162 51.98 17.08 10.87
N PHE B 163 51.73 16.11 10.00
CA PHE B 163 50.85 16.29 8.85
C PHE B 163 50.06 15.01 8.61
N ILE B 164 48.73 15.08 8.70
CA ILE B 164 47.90 13.90 8.52
C ILE B 164 46.99 13.94 7.31
N MSE B 165 46.69 12.76 6.76
CA MSE B 165 45.79 12.64 5.61
C MSE B 165 44.89 11.41 5.83
O MSE B 165 45.37 10.28 5.78
CB MSE B 165 46.60 12.47 4.32
CG MSE B 165 47.50 13.65 3.90
SE MSE B 165 48.30 13.38 2.12
CE MSE B 165 49.67 12.10 2.58
N LYS B 166 43.60 11.63 6.05
CA LYS B 166 42.66 10.53 6.27
C LYS B 166 41.37 10.62 5.46
N ALA B 167 40.58 9.55 5.50
CA ALA B 167 39.32 9.48 4.77
C ALA B 167 38.44 8.38 5.35
N GLU B 168 37.12 8.57 5.39
CA GLU B 168 36.21 7.56 5.96
C GLU B 168 35.31 6.90 4.93
N GLY B 169 35.44 5.58 4.78
CA GLY B 169 34.63 4.84 3.84
C GLY B 169 33.37 4.25 4.46
N GLU B 170 32.62 3.48 3.67
CA GLU B 170 31.38 2.86 4.14
C GLU B 170 31.60 1.65 5.03
N THR B 171 32.84 1.18 5.09
CA THR B 171 33.19 0.01 5.90
C THR B 171 34.58 0.14 6.51
N GLN B 172 35.55 0.44 5.66
CA GLN B 172 36.93 0.59 6.08
C GLN B 172 37.42 2.02 5.83
N GLU B 173 38.57 2.36 6.37
CA GLU B 173 39.12 3.70 6.19
C GLU B 173 40.63 3.78 5.90
N VAL B 174 41.12 5.00 5.77
CA VAL B 174 42.52 5.30 5.48
C VAL B 174 43.03 6.48 6.33
N GLU B 175 44.32 6.45 6.67
CA GLU B 175 44.91 7.53 7.45
C GLU B 175 46.43 7.42 7.42
N ILE B 176 47.09 8.57 7.36
CA ILE B 176 48.54 8.58 7.29
C ILE B 176 49.08 9.78 8.03
N LYS B 177 49.88 9.53 9.06
CA LYS B 177 50.48 10.61 9.82
C LYS B 177 51.95 10.71 9.45
N LEU B 178 52.37 11.90 9.05
CA LEU B 178 53.77 12.13 8.69
C LEU B 178 54.38 13.13 9.65
N THR B 179 55.66 12.93 9.95
CA THR B 179 56.41 13.81 10.83
C THR B 179 57.72 13.99 10.09
N LEU B 180 58.53 14.94 10.55
CA LEU B 180 59.80 15.23 9.90
C LEU B 180 60.68 13.99 9.70
N GLU B 181 60.37 12.91 10.41
CA GLU B 181 61.16 11.70 10.30
C GLU B 181 60.64 10.63 9.33
N ASP B 182 59.67 10.98 8.49
CA ASP B 182 59.17 10.00 7.54
C ASP B 182 59.77 10.25 6.15
N GLU B 183 60.55 11.32 6.06
CA GLU B 183 61.20 11.71 4.81
C GLU B 183 60.27 11.68 3.59
N GLY B 184 59.00 11.46 3.85
CA GLY B 184 58.00 11.51 2.80
C GLY B 184 57.64 12.98 2.96
N LEU B 185 57.95 13.47 4.16
CA LEU B 185 57.73 14.84 4.56
C LEU B 185 59.14 15.41 4.67
N LEU B 186 59.48 16.33 3.76
CA LEU B 186 60.81 16.94 3.77
C LEU B 186 60.88 18.23 4.57
N ASP B 187 59.73 18.88 4.73
CA ASP B 187 59.65 20.12 5.46
C ASP B 187 58.20 20.39 5.86
N ILE B 188 58.01 21.07 6.99
CA ILE B 188 56.68 21.40 7.46
C ILE B 188 56.69 22.68 8.25
N GLU B 189 55.71 23.53 8.00
CA GLU B 189 55.64 24.81 8.69
C GLU B 189 54.19 25.27 8.87
N VAL B 190 53.67 25.13 10.08
CA VAL B 190 52.32 25.53 10.39
C VAL B 190 52.39 26.71 11.35
N GLN B 191 51.25 27.36 11.57
CA GLN B 191 51.19 28.49 12.48
C GLN B 191 50.09 28.22 13.50
N GLU B 192 49.11 27.44 13.10
CA GLU B 192 48.02 27.06 13.98
C GLU B 192 47.47 25.74 13.45
N GLU B 193 46.72 25.02 14.28
CA GLU B 193 46.16 23.76 13.84
C GLU B 193 45.43 24.08 12.55
N THR B 194 45.55 23.21 11.55
CA THR B 194 44.88 23.50 10.30
C THR B 194 44.22 22.26 9.68
N LYS B 195 42.90 22.34 9.56
CA LYS B 195 42.13 21.24 8.98
C LYS B 195 41.33 21.71 7.78
N SER B 196 41.18 20.83 6.80
CA SER B 196 40.44 21.14 5.59
C SER B 196 40.26 19.85 4.79
N ALA B 197 39.16 19.74 4.03
CA ALA B 197 38.92 18.53 3.25
C ALA B 197 38.91 18.84 1.77
N TYR B 198 39.22 17.84 0.94
CA TYR B 198 39.25 18.04 -0.50
C TYR B 198 38.75 16.83 -1.26
N GLY B 199 38.41 17.03 -2.52
CA GLY B 199 37.90 15.94 -3.33
C GLY B 199 38.97 15.03 -3.93
N VAL B 200 38.94 13.77 -3.52
CA VAL B 200 39.85 12.75 -4.01
C VAL B 200 39.97 12.78 -5.52
N SER B 201 38.85 12.98 -6.21
CA SER B 201 38.82 12.99 -7.65
C SER B 201 39.58 14.14 -8.32
N TYR B 202 39.70 15.28 -7.64
CA TYR B 202 40.44 16.42 -8.20
C TYR B 202 41.92 16.20 -7.91
N LEU B 203 42.23 15.80 -6.68
CA LEU B 203 43.62 15.56 -6.29
C LEU B 203 44.21 14.43 -7.14
N SER B 204 43.34 13.55 -7.61
CA SER B 204 43.76 12.42 -8.42
C SER B 204 44.41 12.95 -9.70
N ASP B 205 43.68 13.75 -10.47
CA ASP B 205 44.25 14.29 -11.70
C ASP B 205 45.49 15.16 -11.41
N MSE B 206 45.49 15.86 -10.27
CA MSE B 206 46.62 16.71 -9.92
C MSE B 206 47.92 15.96 -9.58
O MSE B 206 49.00 16.46 -9.84
CB MSE B 206 46.27 17.64 -8.76
CG MSE B 206 45.28 18.75 -9.08
SE MSE B 206 44.31 19.34 -7.48
CE MSE B 206 45.82 20.15 -6.56
N VAL B 207 47.81 14.77 -8.99
CA VAL B 207 49.02 14.03 -8.62
C VAL B 207 49.31 12.81 -9.51
N LYS B 208 48.44 12.57 -10.49
CA LYS B 208 48.60 11.46 -11.42
C LYS B 208 50.00 11.34 -12.03
N GLY B 209 50.46 12.43 -12.65
CA GLY B 209 51.76 12.43 -13.29
C GLY B 209 52.94 12.93 -12.49
N LEU B 210 52.97 12.60 -11.20
CA LEU B 210 54.06 13.03 -10.35
C LEU B 210 55.01 11.87 -10.15
N GLY B 211 56.29 12.07 -10.43
CA GLY B 211 57.25 11.00 -10.23
C GLY B 211 57.29 10.65 -8.75
N LYS B 212 58.02 9.60 -8.39
CA LYS B 212 58.09 9.20 -6.97
C LYS B 212 59.05 10.12 -6.23
N ALA B 213 60.11 10.56 -6.91
CA ALA B 213 61.10 11.44 -6.31
C ALA B 213 60.70 12.91 -6.40
N ASP B 214 59.70 13.20 -7.22
CA ASP B 214 59.21 14.56 -7.38
C ASP B 214 58.90 15.16 -6.02
N GLU B 215 59.09 16.46 -5.88
CA GLU B 215 58.78 17.14 -4.63
C GLU B 215 57.68 18.16 -4.86
N VAL B 216 56.77 18.26 -3.90
CA VAL B 216 55.70 19.21 -4.05
C VAL B 216 55.49 19.99 -2.77
N THR B 217 55.07 21.23 -2.92
CA THR B 217 54.81 22.08 -1.78
C THR B 217 53.32 22.29 -1.68
N ILE B 218 52.75 21.99 -0.52
CA ILE B 218 51.31 22.16 -0.32
C ILE B 218 51.05 23.20 0.77
N LYS B 219 50.19 24.17 0.48
CA LYS B 219 49.85 25.20 1.43
C LYS B 219 48.33 25.27 1.58
N PHE B 220 47.83 25.24 2.82
CA PHE B 220 46.39 25.35 3.00
C PHE B 220 46.00 26.04 4.30
N GLY B 221 44.69 26.12 4.53
CA GLY B 221 44.14 26.74 5.72
C GLY B 221 42.80 26.09 6.02
N ASN B 222 42.26 26.34 7.21
CA ASN B 222 40.98 25.74 7.59
C ASN B 222 39.85 26.16 6.65
N GLU B 223 39.04 25.20 6.24
CA GLU B 223 37.93 25.45 5.33
C GLU B 223 38.33 26.40 4.21
N MSE B 224 39.53 26.22 3.70
CA MSE B 224 40.06 27.12 2.68
C MSE B 224 40.63 26.34 1.51
O MSE B 224 40.80 25.12 1.58
CB MSE B 224 41.16 27.93 3.35
CG MSE B 224 41.72 29.09 2.59
SE MSE B 224 42.98 29.96 3.74
CE MSE B 224 41.98 29.92 5.38
N PRO B 225 40.90 27.03 0.38
CA PRO B 225 41.47 26.28 -0.74
C PRO B 225 42.90 25.84 -0.39
N MSE B 226 43.35 24.79 -1.09
CA MSE B 226 44.67 24.24 -0.91
C MSE B 226 45.52 24.60 -2.13
O MSE B 226 45.04 24.56 -3.27
CB MSE B 226 44.56 22.74 -0.80
CG MSE B 226 45.87 22.00 -0.89
SE MSE B 226 45.53 20.29 -1.73
CE MSE B 226 45.60 20.94 -3.53
N GLN B 227 46.76 24.95 -1.89
CA GLN B 227 47.66 25.30 -2.97
C GLN B 227 48.78 24.25 -3.08
N MSE B 228 49.08 23.81 -4.30
CA MSE B 228 50.12 22.82 -4.56
C MSE B 228 51.05 23.36 -5.63
O MSE B 228 50.63 23.67 -6.74
CB MSE B 228 49.52 21.49 -5.01
CG MSE B 228 50.55 20.37 -5.22
SE MSE B 228 49.86 18.64 -5.80
CE MSE B 228 49.90 18.92 -7.70
N GLU B 229 52.34 23.48 -5.30
CA GLU B 229 53.34 23.99 -6.24
C GLU B 229 54.41 22.97 -6.61
N TYR B 230 54.62 22.79 -7.92
CA TYR B 230 55.65 21.88 -8.38
C TYR B 230 56.63 22.77 -9.14
N TYR B 231 57.90 22.72 -8.78
CA TYR B 231 58.90 23.53 -9.46
C TYR B 231 59.60 22.79 -10.58
N ILE B 232 59.75 23.48 -11.69
CA ILE B 232 60.41 22.90 -12.84
C ILE B 232 61.65 23.73 -13.19
N ARG B 233 62.79 23.09 -13.08
CA ARG B 233 64.00 23.78 -13.37
C ARG B 233 64.14 24.96 -12.48
N ASP B 234 63.63 24.81 -11.28
CA ASP B 234 63.86 25.79 -10.23
C ASP B 234 63.22 27.11 -10.30
N GLU B 235 62.95 27.54 -11.45
CA GLU B 235 62.33 28.82 -11.47
C GLU B 235 60.98 28.68 -12.07
N GLY B 236 60.87 27.68 -12.92
CA GLY B 236 59.61 27.40 -13.53
C GLY B 236 58.69 26.86 -12.44
N ARG B 237 57.41 27.23 -12.49
CA ARG B 237 56.52 26.76 -11.45
C ARG B 237 55.11 26.41 -11.93
N LEU B 238 54.65 25.25 -11.48
CA LEU B 238 53.32 24.76 -11.79
C LEU B 238 52.52 24.86 -10.49
N THR B 239 51.42 25.63 -10.51
CA THR B 239 50.57 25.82 -9.34
C THR B 239 49.12 25.38 -9.58
N PHE B 240 48.54 24.73 -8.57
CA PHE B 240 47.16 24.30 -8.60
C PHE B 240 46.43 24.92 -7.40
N LEU B 241 45.29 25.56 -7.63
CA LEU B 241 44.54 26.09 -6.50
C LEU B 241 43.28 25.25 -6.48
N LEU B 242 43.09 24.51 -5.40
CA LEU B 242 41.97 23.60 -5.26
C LEU B 242 40.91 23.95 -4.21
N ALA B 243 39.69 24.23 -4.67
CA ALA B 243 38.59 24.57 -3.79
C ALA B 243 38.35 23.44 -2.77
N PRO B 244 38.05 23.80 -1.52
CA PRO B 244 37.82 22.75 -0.52
C PRO B 244 36.42 22.14 -0.51
N ARG B 245 36.28 21.09 0.29
CA ARG B 245 35.01 20.45 0.48
C ARG B 245 34.74 20.90 1.89
N VAL B 246 33.71 21.70 2.06
CA VAL B 246 33.40 22.23 3.38
C VAL B 246 32.33 21.36 4.06
N GLU B 247 32.43 21.25 5.38
CA GLU B 247 31.48 20.44 6.13
C GLU B 247 30.33 21.28 6.70
#